data_7NFQ
#
_entry.id   7NFQ
#
_cell.length_a   42.583
_cell.length_b   106.543
_cell.length_c   98.405
_cell.angle_alpha   90.000
_cell.angle_beta   98.007
_cell.angle_gamma   90.000
#
_symmetry.space_group_name_H-M   'P 1 21 1'
#
loop_
_entity.id
_entity.type
_entity.pdbx_description
1 polymer 'Polymerase basic protein 2'
2 polymer Nb8193
3 non-polymer GLYCEROL
4 non-polymer DI(HYDROXYETHYL)ETHER
5 water water
#
loop_
_entity_poly.entity_id
_entity_poly.type
_entity_poly.pdbx_seq_one_letter_code
_entity_poly.pdbx_strand_id
1 'polypeptide(L)'
;HHHHHHGENLYFQGGGEVRNDDVDQSLIIAARNIVRRATVSTDPLASLLEMCHSTQIGGIRMVDILRQNPTEEQAVDICK
AAMGLRISSSFSFGGFTFKRTSGSSVKKEEEVLTGNLQTLKIRVHEGYEEFTMVGRRATAILRKATRRLIQLIVSGRDEQ
SIAEAIIVAMVFSQEDCMIKAVRGDLNFVNRANQRLNPMHQLLRHFQKDAKVLFQNWGIEPIDNVMGMIGILPDMTPSTE
MSLRGVRVSKMGVDEYSSTERVVVSIDRFLRVRDQRGNVLLSPEEVSETQGTERLTITYSSSMM
;
A,B
2 'polypeptide(L)'
;QVQLQESGGGLVQPGGSLRLSCAASGFTFKMYAMSWVRQAPGKGLEWVSSINSAGGSTSYVDSVKGRFTISRDNAKNTLY
LQMNSLKPDDTAVYYCVQGRNWPYDYRGQGTQVTVSSHHHHHHEPEA
;
C,D
#
loop_
_chem_comp.id
_chem_comp.type
_chem_comp.name
_chem_comp.formula
GOL non-polymer GLYCEROL 'C3 H8 O3'
PEG non-polymer DI(HYDROXYETHYL)ETHER 'C4 H10 O3'
#
# COMPACT_ATOMS: atom_id res chain seq x y z
N ASN A 20 -30.08 -19.99 17.78
CA ASN A 20 -30.21 -18.56 18.05
C ASN A 20 -28.84 -17.87 18.06
N ASP A 21 -28.51 -17.18 16.97
CA ASP A 21 -27.13 -16.75 16.83
C ASP A 21 -26.80 -15.53 17.69
N ASP A 22 -27.77 -14.67 18.03
CA ASP A 22 -27.46 -13.56 18.92
C ASP A 22 -27.04 -14.07 20.31
N VAL A 23 -27.71 -15.13 20.79
CA VAL A 23 -27.35 -15.70 22.07
C VAL A 23 -25.96 -16.31 22.00
N ASP A 24 -25.72 -17.15 20.98
CA ASP A 24 -24.40 -17.76 20.81
C ASP A 24 -23.27 -16.72 20.83
N GLN A 25 -23.45 -15.64 20.09
CA GLN A 25 -22.37 -14.68 19.97
C GLN A 25 -22.19 -13.89 21.27
N SER A 26 -23.28 -13.55 21.95
CA SER A 26 -23.17 -12.93 23.26
C SER A 26 -22.54 -13.88 24.27
N LEU A 27 -22.90 -15.17 24.19
CA LEU A 27 -22.30 -16.17 25.06
C LEU A 27 -20.78 -16.23 24.91
N ILE A 28 -20.30 -16.20 23.67
CA ILE A 28 -18.87 -16.27 23.41
C ILE A 28 -18.17 -15.04 24.00
N ILE A 29 -18.76 -13.86 23.78
CA ILE A 29 -18.14 -12.64 24.29
C ILE A 29 -18.03 -12.70 25.81
N ALA A 30 -19.12 -13.01 26.49
CA ALA A 30 -19.12 -13.13 27.94
C ALA A 30 -18.08 -14.15 28.41
N ALA A 31 -18.04 -15.32 27.76
CA ALA A 31 -17.12 -16.39 28.13
C ALA A 31 -15.66 -15.98 27.95
N ARG A 32 -15.33 -15.30 26.85
CA ARG A 32 -13.97 -14.82 26.67
C ARG A 32 -13.57 -13.84 27.76
N ASN A 33 -14.46 -12.89 28.09
CA ASN A 33 -14.14 -11.91 29.12
C ASN A 33 -13.90 -12.59 30.46
N ILE A 34 -14.75 -13.56 30.80
CA ILE A 34 -14.64 -14.25 32.07
C ILE A 34 -13.37 -15.07 32.17
N VAL A 35 -13.03 -15.80 31.10
CA VAL A 35 -11.82 -16.61 31.15
C VAL A 35 -10.60 -15.73 31.36
N ARG A 36 -10.56 -14.59 30.69
CA ARG A 36 -9.42 -13.69 30.81
C ARG A 36 -9.29 -13.15 32.25
N ARG A 37 -10.39 -12.74 32.85
CA ARG A 37 -10.36 -12.21 34.20
C ARG A 37 -10.06 -13.29 35.21
N ALA A 38 -10.62 -14.49 35.03
CA ALA A 38 -10.34 -15.56 35.97
C ALA A 38 -8.89 -15.99 35.92
N THR A 39 -8.21 -15.78 34.78
CA THR A 39 -6.81 -16.16 34.69
C THR A 39 -5.94 -15.38 35.68
N VAL A 40 -6.30 -14.14 36.00
CA VAL A 40 -5.55 -13.37 36.99
C VAL A 40 -6.14 -13.56 38.39
N SER A 41 -5.94 -14.75 38.94
CA SER A 41 -6.36 -15.03 40.31
C SER A 41 -5.59 -16.25 40.80
N THR A 42 -5.60 -16.45 42.11
CA THR A 42 -4.94 -17.59 42.72
C THR A 42 -5.70 -18.90 42.52
N ASP A 43 -6.97 -18.83 42.09
CA ASP A 43 -7.78 -20.03 41.84
C ASP A 43 -8.65 -19.73 40.63
N PRO A 44 -8.09 -19.77 39.42
CA PRO A 44 -8.89 -19.39 38.25
C PRO A 44 -10.17 -20.22 38.09
N LEU A 45 -10.15 -21.50 38.44
CA LEU A 45 -11.37 -22.28 38.30
C LEU A 45 -12.46 -21.73 39.20
N ALA A 46 -12.11 -21.49 40.47
CA ALA A 46 -13.08 -20.94 41.42
C ALA A 46 -13.58 -19.59 40.96
N SER A 47 -12.68 -18.74 40.47
CA SER A 47 -13.11 -17.42 40.02
C SER A 47 -14.04 -17.54 38.84
N LEU A 48 -13.68 -18.42 37.89
CA LEU A 48 -14.50 -18.60 36.69
C LEU A 48 -15.90 -19.03 37.06
N LEU A 49 -16.00 -20.04 37.91
CA LEU A 49 -17.32 -20.54 38.29
C LEU A 49 -18.14 -19.44 38.94
N GLU A 50 -17.54 -18.67 39.86
CA GLU A 50 -18.26 -17.56 40.47
C GLU A 50 -18.75 -16.59 39.40
N MET A 51 -17.91 -16.27 38.43
CA MET A 51 -18.31 -15.32 37.38
C MET A 51 -19.37 -15.90 36.45
N CYS A 52 -19.32 -17.21 36.16
CA CYS A 52 -20.40 -17.82 35.40
C CYS A 52 -21.72 -17.71 36.15
N HIS A 53 -21.68 -17.83 37.49
CA HIS A 53 -22.93 -17.77 38.26
C HIS A 53 -23.44 -16.34 38.40
N SER A 54 -22.55 -15.35 38.36
CA SER A 54 -22.91 -13.95 38.57
C SER A 54 -23.17 -13.17 37.29
N THR A 55 -22.94 -13.75 36.13
CA THR A 55 -23.05 -13.06 34.85
C THR A 55 -24.41 -13.37 34.24
N GLN A 56 -25.04 -12.37 33.66
CA GLN A 56 -26.29 -12.57 32.94
C GLN A 56 -26.15 -12.03 31.52
N ILE A 57 -26.87 -12.67 30.60
CA ILE A 57 -26.89 -12.33 29.18
C ILE A 57 -28.33 -12.13 28.79
N GLY A 58 -28.68 -10.90 28.40
CA GLY A 58 -30.06 -10.59 28.08
C GLY A 58 -31.00 -10.80 29.25
N GLY A 59 -30.48 -10.70 30.47
CA GLY A 59 -31.29 -10.94 31.63
C GLY A 59 -31.48 -12.39 32.02
N ILE A 60 -30.64 -13.31 31.54
CA ILE A 60 -30.70 -14.72 31.91
C ILE A 60 -29.33 -15.13 32.44
N ARG A 61 -29.30 -15.97 33.48
CA ARG A 61 -28.00 -16.35 34.07
C ARG A 61 -27.22 -17.15 33.06
N MET A 62 -25.90 -16.93 33.01
CA MET A 62 -25.06 -17.61 32.02
C MET A 62 -25.11 -19.12 32.19
N VAL A 63 -25.11 -19.60 33.43
CA VAL A 63 -25.17 -21.04 33.67
C VAL A 63 -26.38 -21.65 32.98
N ASP A 64 -27.52 -20.93 32.94
CA ASP A 64 -28.71 -21.49 32.34
C ASP A 64 -28.53 -21.63 30.84
N ILE A 65 -27.84 -20.66 30.25
CA ILE A 65 -27.58 -20.70 28.82
C ILE A 65 -26.57 -21.78 28.51
N LEU A 66 -25.45 -21.83 29.25
CA LEU A 66 -24.41 -22.83 29.00
C LEU A 66 -24.99 -24.24 29.02
N ARG A 67 -25.90 -24.50 29.94
CA ARG A 67 -26.49 -25.83 30.06
C ARG A 67 -27.33 -26.22 28.85
N GLN A 68 -27.78 -25.28 28.03
CA GLN A 68 -28.65 -25.63 26.93
C GLN A 68 -28.14 -25.18 25.57
N ASN A 69 -27.00 -24.52 25.48
CA ASN A 69 -26.53 -23.93 24.25
C ASN A 69 -25.44 -24.78 23.62
N PRO A 70 -25.52 -25.05 22.31
CA PRO A 70 -24.61 -26.03 21.69
C PRO A 70 -23.31 -25.46 21.15
N THR A 71 -23.06 -24.18 21.35
CA THR A 71 -21.88 -23.54 20.81
C THR A 71 -20.59 -24.22 21.28
N GLU A 72 -19.71 -24.50 20.35
CA GLU A 72 -18.37 -25.02 20.63
C GLU A 72 -17.42 -23.89 20.22
N GLU A 73 -16.81 -23.27 21.21
CA GLU A 73 -15.85 -22.18 21.06
C GLU A 73 -15.01 -22.35 22.34
N GLN A 74 -13.74 -21.95 22.27
CA GLN A 74 -12.79 -22.33 23.30
C GLN A 74 -13.18 -21.78 24.68
N ALA A 75 -13.47 -20.49 24.80
CA ALA A 75 -13.84 -19.97 26.11
C ALA A 75 -15.15 -20.59 26.61
N VAL A 76 -16.14 -20.71 25.70
CA VAL A 76 -17.40 -21.34 26.04
C VAL A 76 -17.18 -22.75 26.54
N ASP A 77 -16.32 -23.52 25.86
CA ASP A 77 -16.06 -24.90 26.30
C ASP A 77 -15.27 -24.96 27.60
N ILE A 78 -14.38 -23.99 27.89
CA ILE A 78 -13.77 -23.95 29.21
C ILE A 78 -14.83 -23.78 30.28
N CYS A 79 -15.78 -22.86 30.07
CA CYS A 79 -16.86 -22.67 31.02
C CYS A 79 -17.71 -23.93 31.14
N LYS A 80 -18.02 -24.59 30.03
CA LYS A 80 -18.82 -25.81 30.09
C LYS A 80 -18.12 -26.89 30.90
N ALA A 81 -16.81 -27.05 30.69
CA ALA A 81 -16.03 -28.02 31.46
C ALA A 81 -16.05 -27.70 32.94
N ALA A 82 -15.88 -26.45 33.29
CA ALA A 82 -16.00 -26.04 34.69
C ALA A 82 -17.34 -26.44 35.29
N MET A 83 -18.42 -26.44 34.50
CA MET A 83 -19.74 -26.81 34.98
C MET A 83 -20.01 -28.30 34.87
N GLY A 84 -19.04 -29.06 34.42
CA GLY A 84 -19.23 -30.50 34.38
C GLY A 84 -20.01 -30.97 33.18
N LEU A 85 -19.94 -30.21 32.07
CA LEU A 85 -20.70 -30.51 30.86
C LEU A 85 -19.74 -30.97 29.76
N ARG A 86 -20.27 -31.77 28.85
CA ARG A 86 -19.48 -32.37 27.79
C ARG A 86 -19.11 -31.30 26.78
N ILE A 87 -17.93 -31.47 26.18
CA ILE A 87 -17.46 -30.62 25.10
C ILE A 87 -16.89 -31.52 23.99
N SER A 88 -16.57 -30.88 22.86
CA SER A 88 -15.90 -31.58 21.78
C SER A 88 -14.62 -32.26 22.24
N SER A 89 -14.37 -33.45 21.67
CA SER A 89 -13.15 -34.21 21.97
C SER A 89 -11.91 -33.69 21.26
N SER A 90 -12.05 -32.71 20.37
CA SER A 90 -10.93 -32.16 19.62
C SER A 90 -10.13 -31.19 20.47
N PHE A 91 -8.83 -31.08 20.20
CA PHE A 91 -8.00 -30.14 20.94
C PHE A 91 -7.80 -28.89 20.08
N SER A 92 -7.50 -27.79 20.77
CA SER A 92 -7.25 -26.50 20.15
C SER A 92 -5.77 -26.19 20.27
N PHE A 93 -5.16 -25.75 19.16
CA PHE A 93 -3.79 -25.29 19.16
C PHE A 93 -3.70 -24.13 18.18
N GLY A 94 -3.21 -23.00 18.68
CA GLY A 94 -3.13 -21.79 17.88
C GLY A 94 -4.47 -21.27 17.43
N GLY A 95 -5.53 -21.60 18.16
CA GLY A 95 -6.84 -21.17 17.77
C GLY A 95 -7.55 -22.11 16.83
N PHE A 96 -6.87 -23.16 16.35
CA PHE A 96 -7.40 -24.11 15.40
C PHE A 96 -7.87 -25.34 16.15
N THR A 97 -9.08 -25.80 15.85
CA THR A 97 -9.57 -27.07 16.35
C THR A 97 -8.97 -28.19 15.53
N PHE A 98 -8.22 -29.10 16.18
CA PHE A 98 -7.53 -30.21 15.52
C PHE A 98 -8.35 -31.46 15.73
N LYS A 99 -8.89 -32.03 14.67
CA LYS A 99 -9.55 -33.32 14.73
C LYS A 99 -8.62 -34.36 14.11
N ARG A 100 -8.16 -35.30 14.92
CA ARG A 100 -7.29 -36.34 14.39
C ARG A 100 -8.08 -37.30 13.53
N THR A 101 -7.60 -37.56 12.33
CA THR A 101 -8.17 -38.56 11.46
C THR A 101 -7.29 -39.79 11.24
N SER A 102 -6.00 -39.76 11.63
CA SER A 102 -5.17 -40.96 11.63
C SER A 102 -4.09 -40.88 12.70
N GLY A 103 -3.47 -42.04 13.00
CA GLY A 103 -2.41 -42.14 14.00
C GLY A 103 -2.95 -42.05 15.41
N SER A 104 -2.04 -42.08 16.38
CA SER A 104 -2.41 -42.11 17.80
C SER A 104 -1.78 -40.92 18.55
N SER A 105 -1.97 -40.92 19.88
CA SER A 105 -1.63 -39.76 20.70
C SER A 105 -0.32 -39.93 21.49
N VAL A 106 0.36 -41.08 21.38
CA VAL A 106 1.50 -41.38 22.23
C VAL A 106 2.70 -40.51 21.85
N LYS A 107 3.38 -39.94 22.85
CA LYS A 107 4.46 -38.99 22.64
C LYS A 107 5.67 -39.34 23.49
N LYS A 108 6.82 -38.80 23.09
CA LYS A 108 8.12 -39.08 23.66
C LYS A 108 8.84 -37.75 23.87
N GLU A 109 9.42 -37.54 25.04
CA GLU A 109 10.02 -36.25 25.33
C GLU A 109 11.38 -36.15 24.66
N GLU A 110 11.68 -34.97 24.11
CA GLU A 110 13.00 -34.69 23.56
C GLU A 110 13.40 -33.28 23.93
N GLU A 111 14.67 -33.10 24.31
CA GLU A 111 15.22 -31.77 24.55
C GLU A 111 15.85 -31.28 23.26
N VAL A 112 15.47 -30.08 22.84
CA VAL A 112 16.03 -29.51 21.61
C VAL A 112 16.65 -28.16 21.92
N LEU A 113 17.23 -27.54 20.90
CA LEU A 113 18.06 -26.36 21.06
C LEU A 113 17.58 -25.35 20.02
N THR A 114 17.11 -24.21 20.48
CA THR A 114 16.59 -23.26 19.51
C THR A 114 17.75 -22.58 18.78
N GLY A 115 17.38 -21.83 17.74
CA GLY A 115 18.34 -21.01 17.03
C GLY A 115 18.98 -19.93 17.86
N ASN A 116 18.50 -19.69 19.08
CA ASN A 116 19.18 -18.77 19.99
C ASN A 116 19.97 -19.51 21.06
N LEU A 117 20.14 -20.83 20.92
CA LEU A 117 20.87 -21.70 21.86
C LEU A 117 20.17 -21.83 23.22
N GLN A 118 18.85 -21.73 23.22
CA GLN A 118 18.02 -22.00 24.39
C GLN A 118 17.49 -23.41 24.28
N THR A 119 17.60 -24.17 25.35
CA THR A 119 17.07 -25.53 25.34
C THR A 119 15.55 -25.49 25.48
N LEU A 120 14.91 -26.55 24.98
CA LEU A 120 13.47 -26.64 24.99
C LEU A 120 13.09 -28.11 25.06
N LYS A 121 12.23 -28.46 26.01
CA LYS A 121 11.73 -29.81 26.20
C LYS A 121 10.38 -29.91 25.53
N ILE A 122 10.29 -30.70 24.47
CA ILE A 122 9.03 -30.86 23.75
C ILE A 122 8.62 -32.32 23.77
N ARG A 123 7.33 -32.55 23.57
CA ARG A 123 6.76 -33.90 23.53
C ARG A 123 6.44 -34.23 22.07
N VAL A 124 7.08 -35.28 21.55
CA VAL A 124 7.07 -35.60 20.14
C VAL A 124 6.26 -36.87 19.92
N HIS A 125 5.27 -36.82 19.02
CA HIS A 125 4.65 -38.06 18.58
C HIS A 125 5.51 -38.68 17.49
N GLU A 126 5.76 -39.98 17.60
CA GLU A 126 6.42 -40.76 16.58
C GLU A 126 5.37 -41.48 15.75
N GLY A 127 5.53 -41.41 14.43
CA GLY A 127 4.63 -42.06 13.50
C GLY A 127 3.69 -41.07 12.82
N TYR A 128 3.06 -41.57 11.76
CA TYR A 128 2.17 -40.78 10.92
C TYR A 128 0.93 -40.35 11.67
N GLU A 129 0.58 -39.07 11.53
CA GLU A 129 -0.72 -38.62 11.97
C GLU A 129 -1.31 -37.69 10.93
N GLU A 130 -2.63 -37.53 10.98
CA GLU A 130 -3.37 -36.71 10.03
C GLU A 130 -4.47 -36.00 10.80
N PHE A 131 -4.64 -34.70 10.53
CA PHE A 131 -5.62 -33.89 11.23
C PHE A 131 -6.34 -32.99 10.22
N THR A 132 -7.57 -32.63 10.55
CA THR A 132 -8.19 -31.42 10.03
C THR A 132 -7.97 -30.31 11.05
N MET A 133 -7.60 -29.13 10.58
CA MET A 133 -7.51 -27.93 11.39
C MET A 133 -8.65 -27.02 10.98
N VAL A 134 -9.52 -26.68 11.94
CA VAL A 134 -10.69 -25.82 11.69
C VAL A 134 -10.51 -24.56 12.51
N GLY A 135 -10.32 -23.45 11.81
CA GLY A 135 -10.23 -22.16 12.45
C GLY A 135 -11.41 -21.30 12.04
N ARG A 136 -11.53 -20.17 12.72
CA ARG A 136 -12.61 -19.26 12.37
C ARG A 136 -12.40 -18.59 11.02
N ARG A 137 -11.18 -18.57 10.50
CA ARG A 137 -10.93 -17.88 9.24
C ARG A 137 -10.09 -18.71 8.25
N ALA A 138 -9.79 -19.96 8.58
CA ALA A 138 -9.07 -20.86 7.70
C ALA A 138 -9.35 -22.31 8.13
N THR A 139 -9.24 -23.21 7.17
CA THR A 139 -9.40 -24.66 7.34
C THR A 139 -8.27 -25.36 6.62
N ALA A 140 -7.74 -26.44 7.20
CA ALA A 140 -6.64 -27.13 6.55
C ALA A 140 -6.64 -28.63 6.85
N ILE A 141 -6.00 -29.36 5.95
CA ILE A 141 -5.64 -30.76 6.15
C ILE A 141 -4.15 -30.79 6.44
N LEU A 142 -3.79 -31.43 7.56
CA LEU A 142 -2.39 -31.58 7.95
C LEU A 142 -2.00 -33.05 8.02
N ARG A 143 -0.95 -33.42 7.28
CA ARG A 143 -0.38 -34.76 7.28
C ARG A 143 1.05 -34.62 7.75
N LYS A 144 1.41 -35.41 8.75
CA LYS A 144 2.74 -35.25 9.31
C LYS A 144 3.26 -36.58 9.79
N ALA A 145 4.58 -36.61 9.97
CA ALA A 145 5.26 -37.76 10.57
C ALA A 145 6.10 -37.22 11.72
N THR A 146 6.99 -38.05 12.27
CA THR A 146 7.80 -37.62 13.41
C THR A 146 8.62 -36.40 13.05
N ARG A 147 8.33 -35.26 13.70
CA ARG A 147 9.04 -34.00 13.48
C ARG A 147 9.21 -33.72 12.00
N ARG A 148 8.13 -33.93 11.23
CA ARG A 148 8.18 -33.66 9.79
C ARG A 148 6.81 -33.31 9.23
N LEU A 149 6.70 -32.13 8.63
CA LEU A 149 5.51 -31.79 7.88
C LEU A 149 5.50 -32.54 6.56
N ILE A 150 4.46 -33.32 6.31
CA ILE A 150 4.35 -34.01 5.01
C ILE A 150 3.53 -33.19 4.03
N GLN A 151 2.34 -32.78 4.46
CA GLN A 151 1.50 -31.93 3.64
C GLN A 151 0.57 -31.06 4.46
N LEU A 152 0.44 -29.81 4.05
CA LEU A 152 -0.60 -28.90 4.51
C LEU A 152 -1.36 -28.39 3.30
N ILE A 153 -2.68 -28.56 3.30
CA ILE A 153 -3.57 -28.01 2.29
C ILE A 153 -4.50 -27.09 3.03
N VAL A 154 -4.45 -25.79 2.75
CA VAL A 154 -5.17 -24.80 3.56
C VAL A 154 -5.99 -23.91 2.66
N SER A 155 -7.21 -23.61 3.09
CA SER A 155 -8.01 -22.55 2.49
C SER A 155 -8.38 -21.55 3.58
N GLY A 156 -8.63 -20.31 3.17
CA GLY A 156 -8.90 -19.28 4.16
C GLY A 156 -9.42 -18.00 3.57
N ARG A 157 -9.84 -17.11 4.48
CA ARG A 157 -10.58 -15.91 4.08
C ARG A 157 -9.66 -14.83 3.53
N ASP A 158 -8.42 -14.73 4.02
CA ASP A 158 -7.50 -13.72 3.50
C ASP A 158 -6.06 -14.18 3.72
N GLU A 159 -5.13 -13.35 3.25
CA GLU A 159 -3.72 -13.73 3.31
C GLU A 159 -3.27 -13.98 4.76
N GLN A 160 -3.58 -13.05 5.65
CA GLN A 160 -3.13 -13.22 7.03
C GLN A 160 -3.72 -14.48 7.64
N SER A 161 -4.96 -14.82 7.27
CA SER A 161 -5.59 -16.00 7.89
C SER A 161 -4.94 -17.31 7.44
N ILE A 162 -4.48 -17.35 6.18
CA ILE A 162 -3.78 -18.51 5.68
C ILE A 162 -2.38 -18.57 6.29
N ALA A 163 -1.69 -17.42 6.34
CA ALA A 163 -0.37 -17.36 7.00
C ALA A 163 -0.44 -17.87 8.42
N GLU A 164 -1.50 -17.47 9.13
CA GLU A 164 -1.69 -17.91 10.51
C GLU A 164 -1.83 -19.44 10.59
N ALA A 165 -2.60 -20.04 9.69
CA ALA A 165 -2.71 -21.51 9.65
C ALA A 165 -1.39 -22.17 9.31
N ILE A 166 -0.65 -21.60 8.36
CA ILE A 166 0.66 -22.16 8.00
C ILE A 166 1.61 -22.13 9.20
N ILE A 167 1.66 -21.00 9.94
CA ILE A 167 2.53 -20.89 11.12
C ILE A 167 2.17 -21.95 12.13
N VAL A 168 0.89 -22.08 12.44
CA VAL A 168 0.45 -23.08 13.40
C VAL A 168 0.92 -24.46 12.95
N ALA A 169 0.79 -24.78 11.66
CA ALA A 169 1.11 -26.11 11.18
C ALA A 169 2.61 -26.36 11.20
N MET A 170 3.42 -25.36 10.87
CA MET A 170 4.87 -25.53 10.99
C MET A 170 5.28 -25.75 12.44
N VAL A 171 4.70 -24.99 13.37
CA VAL A 171 5.04 -25.18 14.78
C VAL A 171 4.61 -26.57 15.24
N PHE A 172 3.36 -26.94 14.95
CA PHE A 172 2.85 -28.25 15.34
C PHE A 172 3.66 -29.39 14.76
N SER A 173 4.26 -29.18 13.57
CA SER A 173 5.08 -30.23 12.95
C SER A 173 6.28 -30.56 13.81
N GLN A 174 6.77 -29.58 14.58
CA GLN A 174 7.96 -29.76 15.41
C GLN A 174 9.22 -29.96 14.58
N GLU A 175 9.23 -29.53 13.31
CA GLU A 175 10.39 -29.73 12.47
C GLU A 175 11.60 -28.93 12.96
N ASP A 176 12.78 -29.53 12.84
CA ASP A 176 13.95 -28.82 13.33
C ASP A 176 14.16 -27.52 12.56
N CYS A 177 13.74 -27.44 11.29
CA CYS A 177 13.86 -26.16 10.58
C CYS A 177 13.15 -25.03 11.35
N MET A 178 12.02 -25.36 11.98
CA MET A 178 11.26 -24.39 12.73
C MET A 178 11.93 -24.08 14.07
N ILE A 179 12.39 -25.10 14.81
CA ILE A 179 13.17 -24.83 16.01
C ILE A 179 14.37 -23.96 15.67
N LYS A 180 15.04 -24.24 14.54
CA LYS A 180 16.25 -23.51 14.17
C LYS A 180 15.99 -22.07 13.78
N ALA A 181 14.77 -21.75 13.37
CA ALA A 181 14.44 -20.41 12.95
C ALA A 181 14.11 -19.50 14.13
N VAL A 182 14.10 -20.01 15.35
CA VAL A 182 13.84 -19.17 16.50
C VAL A 182 15.01 -18.21 16.66
N ARG A 183 14.72 -16.92 16.85
CA ARG A 183 15.79 -15.91 16.82
C ARG A 183 15.89 -15.05 18.07
N GLY A 184 15.22 -15.40 19.14
CA GLY A 184 15.58 -14.78 20.38
C GLY A 184 15.30 -15.71 21.53
N ASP A 185 15.40 -15.25 22.77
CA ASP A 185 14.91 -16.05 23.88
C ASP A 185 13.39 -16.10 23.89
N LEU A 186 12.88 -17.18 24.43
CA LEU A 186 11.45 -17.46 24.49
C LEU A 186 11.01 -17.33 25.94
N ASN A 187 10.38 -16.20 26.27
CA ASN A 187 9.92 -15.94 27.63
C ASN A 187 8.48 -15.43 27.64
N PHE A 188 7.67 -15.93 26.72
CA PHE A 188 6.28 -15.53 26.65
C PHE A 188 5.51 -16.02 27.87
N VAL A 189 4.49 -15.24 28.26
CA VAL A 189 3.70 -15.53 29.44
C VAL A 189 2.22 -15.39 29.11
N ASN A 190 1.39 -15.79 30.06
CA ASN A 190 -0.03 -15.55 29.96
C ASN A 190 -0.38 -14.27 30.72
N ARG A 191 -1.67 -14.03 30.97
CA ARG A 191 -2.14 -12.78 31.55
C ARG A 191 -1.78 -12.65 33.02
N ALA A 192 -1.38 -13.77 33.64
CA ALA A 192 -0.89 -13.83 35.00
C ALA A 192 0.63 -13.82 35.07
N ASN A 193 1.29 -13.52 33.94
CA ASN A 193 2.76 -13.54 33.82
C ASN A 193 3.33 -14.92 34.18
N GLN A 194 2.57 -15.99 33.96
CA GLN A 194 3.07 -17.35 34.07
C GLN A 194 3.58 -17.85 32.70
N ARG A 195 4.75 -18.47 32.68
CA ARG A 195 5.39 -18.83 31.42
C ARG A 195 4.57 -19.86 30.64
N LEU A 196 4.47 -19.65 29.34
CA LEU A 196 3.78 -20.58 28.45
C LEU A 196 4.60 -21.87 28.25
N ASN A 197 3.88 -22.97 28.00
CA ASN A 197 4.52 -24.25 27.70
C ASN A 197 5.31 -24.15 26.39
N PRO A 198 6.21 -25.11 26.16
CA PRO A 198 7.13 -24.99 25.00
C PRO A 198 6.46 -24.80 23.66
N MET A 199 5.42 -25.57 23.31
CA MET A 199 4.84 -25.37 21.98
C MET A 199 4.22 -23.98 21.83
N HIS A 200 3.63 -23.45 22.91
CA HIS A 200 3.05 -22.10 22.86
C HIS A 200 4.12 -21.02 22.90
N GLN A 201 5.27 -21.28 23.54
CA GLN A 201 6.43 -20.42 23.34
C GLN A 201 6.76 -20.29 21.87
N LEU A 202 6.91 -21.43 21.19
CA LEU A 202 7.19 -21.42 19.76
C LEU A 202 6.08 -20.74 18.99
N LEU A 203 4.82 -21.03 19.33
CA LEU A 203 3.73 -20.41 18.60
C LEU A 203 3.77 -18.89 18.73
N ARG A 204 4.00 -18.38 19.96
CA ARG A 204 3.94 -16.93 20.14
C ARG A 204 5.08 -16.25 19.42
N HIS A 205 6.25 -16.89 19.41
CA HIS A 205 7.41 -16.32 18.75
C HIS A 205 7.13 -16.09 17.28
N PHE A 206 6.67 -17.13 16.59
CA PHE A 206 6.49 -17.00 15.15
C PHE A 206 5.23 -16.24 14.79
N GLN A 207 4.21 -16.24 15.66
CA GLN A 207 3.07 -15.38 15.40
C GLN A 207 3.49 -13.91 15.37
N LYS A 208 4.49 -13.56 16.20
CA LYS A 208 5.02 -12.20 16.22
C LYS A 208 5.72 -11.85 14.90
N ASP A 209 6.58 -12.73 14.40
CA ASP A 209 7.26 -12.51 13.13
C ASP A 209 7.67 -13.85 12.53
N ALA A 210 7.12 -14.17 11.37
CA ALA A 210 7.34 -15.46 10.74
C ALA A 210 8.32 -15.38 9.59
N LYS A 211 8.97 -14.23 9.40
CA LYS A 211 9.76 -14.04 8.19
C LYS A 211 10.93 -15.04 8.14
N VAL A 212 11.66 -15.18 9.25
CA VAL A 212 12.79 -16.09 9.27
C VAL A 212 12.31 -17.53 9.07
N LEU A 213 11.24 -17.90 9.77
CA LEU A 213 10.69 -19.24 9.62
C LEU A 213 10.31 -19.50 8.16
N PHE A 214 9.52 -18.60 7.55
CA PHE A 214 9.13 -18.79 6.17
C PHE A 214 10.34 -18.80 5.22
N GLN A 215 11.33 -17.93 5.45
CA GLN A 215 12.44 -17.85 4.50
C GLN A 215 13.33 -19.10 4.56
N ASN A 216 13.44 -19.73 5.73
CA ASN A 216 14.30 -20.88 5.89
C ASN A 216 13.57 -22.22 5.78
N TRP A 217 12.27 -22.19 5.56
CA TRP A 217 11.52 -23.44 5.53
C TRP A 217 11.85 -24.24 4.28
N GLY A 218 11.90 -23.56 3.14
CA GLY A 218 12.17 -24.21 1.87
C GLY A 218 11.02 -24.04 0.90
N ILE A 219 11.33 -23.97 -0.39
CA ILE A 219 10.32 -23.93 -1.44
C ILE A 219 10.57 -25.09 -2.40
N GLU A 220 9.57 -25.34 -3.24
CA GLU A 220 9.59 -26.47 -4.15
C GLU A 220 8.76 -26.10 -5.37
N PRO A 221 9.03 -26.69 -6.53
CA PRO A 221 8.16 -26.46 -7.68
C PRO A 221 6.84 -27.19 -7.48
N ILE A 222 5.78 -26.66 -8.07
CA ILE A 222 4.47 -27.26 -7.92
C ILE A 222 3.94 -27.67 -9.27
N ASP A 223 3.02 -28.64 -9.24
CA ASP A 223 2.13 -28.92 -10.37
C ASP A 223 0.93 -27.98 -10.29
N ASN A 224 0.83 -27.05 -11.22
CA ASN A 224 -0.35 -26.19 -11.26
C ASN A 224 -1.59 -27.03 -11.58
N VAL A 225 -2.42 -27.27 -10.57
CA VAL A 225 -3.64 -28.06 -10.69
C VAL A 225 -4.82 -27.19 -10.34
N MET A 226 -5.97 -27.51 -10.93
CA MET A 226 -7.13 -26.65 -10.80
C MET A 226 -7.59 -26.64 -9.35
N GLY A 227 -7.87 -25.44 -8.85
CA GLY A 227 -8.33 -25.23 -7.50
C GLY A 227 -7.23 -25.12 -6.46
N MET A 228 -5.97 -25.21 -6.85
CA MET A 228 -4.85 -25.13 -5.91
CA MET A 228 -4.87 -25.12 -5.91
C MET A 228 -3.91 -24.06 -6.41
N ILE A 229 -3.13 -23.50 -5.51
CA ILE A 229 -2.11 -22.54 -5.90
C ILE A 229 -1.00 -22.60 -4.87
N GLY A 230 0.20 -22.27 -5.28
CA GLY A 230 1.32 -22.21 -4.38
C GLY A 230 1.32 -20.90 -3.61
N ILE A 231 2.13 -20.86 -2.57
CA ILE A 231 2.25 -19.67 -1.74
C ILE A 231 3.70 -19.52 -1.33
N LEU A 232 4.27 -18.36 -1.57
CA LEU A 232 5.70 -18.16 -1.43
C LEU A 232 5.99 -17.65 -0.05
N PRO A 233 7.27 -17.63 0.34
CA PRO A 233 7.62 -17.21 1.71
C PRO A 233 7.21 -15.79 2.02
N ASP A 234 7.05 -14.93 1.03
CA ASP A 234 6.56 -13.58 1.25
C ASP A 234 5.05 -13.51 1.19
N MET A 235 4.39 -14.68 1.13
CA MET A 235 2.93 -14.80 1.22
C MET A 235 2.23 -14.28 -0.02
N THR A 236 2.87 -14.36 -1.14
CA THR A 236 2.18 -14.06 -2.37
C THR A 236 1.90 -15.37 -3.10
N PRO A 237 0.76 -15.47 -3.79
CA PRO A 237 0.45 -16.68 -4.56
C PRO A 237 1.37 -16.85 -5.75
N SER A 238 1.63 -18.10 -6.10
CA SER A 238 2.53 -18.44 -7.20
C SER A 238 2.00 -19.69 -7.86
N THR A 239 1.92 -19.67 -9.19
CA THR A 239 1.58 -20.83 -10.00
C THR A 239 2.72 -21.82 -10.14
N GLU A 240 3.93 -21.43 -9.77
CA GLU A 240 5.14 -22.15 -10.11
C GLU A 240 5.85 -22.76 -8.92
N MET A 241 5.79 -22.13 -7.74
CA MET A 241 6.52 -22.62 -6.60
C MET A 241 5.67 -22.43 -5.34
N SER A 242 6.13 -23.03 -4.25
CA SER A 242 5.43 -22.91 -2.98
C SER A 242 6.32 -23.35 -1.85
N LEU A 243 6.04 -22.82 -0.67
CA LEU A 243 6.61 -23.34 0.55
C LEU A 243 6.47 -24.85 0.56
N ARG A 244 7.55 -25.54 0.90
CA ARG A 244 7.62 -26.99 0.81
C ARG A 244 6.47 -27.65 1.58
N GLY A 245 5.79 -28.56 0.90
CA GLY A 245 4.69 -29.26 1.51
C GLY A 245 3.42 -28.47 1.70
N VAL A 246 3.36 -27.22 1.29
CA VAL A 246 2.20 -26.35 1.54
C VAL A 246 1.53 -26.01 0.22
N ARG A 247 0.20 -26.05 0.22
CA ARG A 247 -0.59 -25.62 -0.92
C ARG A 247 -1.84 -24.91 -0.40
N VAL A 248 -2.27 -23.89 -1.16
CA VAL A 248 -3.49 -23.13 -0.85
C VAL A 248 -4.60 -23.69 -1.73
N SER A 249 -5.72 -24.00 -1.11
CA SER A 249 -6.92 -24.45 -1.82
C SER A 249 -7.82 -23.26 -2.14
N LYS A 250 -7.99 -22.96 -3.42
CA LYS A 250 -8.90 -21.90 -3.80
C LYS A 250 -10.34 -22.36 -3.75
N MET A 251 -10.59 -23.66 -3.94
CA MET A 251 -11.96 -24.15 -3.90
C MET A 251 -12.43 -24.41 -2.48
N GLY A 252 -11.51 -24.54 -1.54
CA GLY A 252 -11.94 -24.73 -0.17
C GLY A 252 -11.73 -26.16 0.31
N VAL A 253 -11.26 -26.29 1.54
CA VAL A 253 -11.10 -27.60 2.18
C VAL A 253 -12.40 -27.97 2.85
N ASP A 254 -12.87 -29.20 2.61
CA ASP A 254 -14.10 -29.71 3.19
C ASP A 254 -13.91 -29.96 4.70
N GLU A 255 -15.03 -30.11 5.40
CA GLU A 255 -15.00 -30.56 6.79
C GLU A 255 -16.19 -31.50 7.06
N SER A 258 -19.44 -35.64 12.77
CA SER A 258 -19.61 -34.32 13.36
C SER A 258 -18.97 -34.27 14.75
N THR A 259 -19.54 -33.43 15.63
CA THR A 259 -18.96 -33.22 16.94
C THR A 259 -19.17 -34.45 17.80
N GLU A 260 -18.07 -35.05 18.25
CA GLU A 260 -18.12 -36.03 19.32
C GLU A 260 -17.95 -35.28 20.63
N ARG A 261 -19.00 -35.30 21.47
CA ARG A 261 -18.96 -34.64 22.78
C ARG A 261 -18.57 -35.64 23.86
N VAL A 262 -17.59 -35.27 24.70
CA VAL A 262 -16.99 -36.22 25.64
C VAL A 262 -16.94 -35.57 27.00
N VAL A 263 -16.93 -36.41 28.05
CA VAL A 263 -16.72 -35.92 29.40
C VAL A 263 -15.27 -35.53 29.59
N VAL A 264 -15.05 -34.38 30.24
CA VAL A 264 -13.71 -33.83 30.41
C VAL A 264 -13.53 -33.42 31.86
N SER A 265 -12.27 -33.21 32.25
CA SER A 265 -11.89 -32.61 33.52
C SER A 265 -11.25 -31.26 33.29
N ILE A 266 -11.18 -30.46 34.35
CA ILE A 266 -10.58 -29.14 34.29
C ILE A 266 -9.89 -28.88 35.63
N ASP A 267 -8.64 -28.41 35.60
CA ASP A 267 -7.88 -28.22 36.82
C ASP A 267 -7.98 -26.76 37.28
N ARG A 268 -7.25 -26.47 38.35
CA ARG A 268 -7.34 -25.14 38.98
C ARG A 268 -7.00 -24.00 38.00
N PHE A 269 -6.15 -24.25 37.02
CA PHE A 269 -5.70 -23.20 36.12
C PHE A 269 -6.38 -23.25 34.76
N LEU A 270 -7.55 -23.89 34.70
CA LEU A 270 -8.43 -23.89 33.52
C LEU A 270 -7.83 -24.68 32.36
N ARG A 271 -7.00 -25.66 32.66
CA ARG A 271 -6.56 -26.61 31.65
C ARG A 271 -7.55 -27.75 31.61
N VAL A 272 -8.11 -27.99 30.43
CA VAL A 272 -9.16 -28.98 30.23
C VAL A 272 -8.54 -30.21 29.59
N ARG A 273 -8.85 -31.38 30.14
CA ARG A 273 -8.25 -32.63 29.74
C ARG A 273 -9.33 -33.67 29.44
N ASP A 274 -9.04 -34.53 28.48
CA ASP A 274 -9.93 -35.63 28.14
C ASP A 274 -9.62 -36.79 29.06
N GLN A 275 -10.37 -37.88 28.92
CA GLN A 275 -10.27 -38.98 29.88
C GLN A 275 -8.87 -39.61 29.87
N ARG A 276 -8.18 -39.56 28.74
CA ARG A 276 -6.80 -40.05 28.62
C ARG A 276 -5.77 -39.02 29.06
N GLY A 277 -6.19 -37.85 29.51
CA GLY A 277 -5.25 -36.88 30.04
C GLY A 277 -4.68 -35.92 29.03
N ASN A 278 -5.13 -35.95 27.78
CA ASN A 278 -4.65 -34.97 26.83
C ASN A 278 -5.28 -33.61 27.10
N VAL A 279 -4.45 -32.56 27.05
CA VAL A 279 -4.97 -31.20 27.19
C VAL A 279 -5.69 -30.79 25.91
N LEU A 280 -6.96 -30.41 26.04
CA LEU A 280 -7.76 -29.96 24.93
C LEU A 280 -7.81 -28.45 24.79
N LEU A 281 -7.89 -27.74 25.92
CA LEU A 281 -8.11 -26.31 25.95
C LEU A 281 -7.40 -25.75 27.16
N SER A 282 -7.00 -24.49 27.04
CA SER A 282 -6.47 -23.71 28.15
C SER A 282 -6.78 -22.24 27.82
N PRO A 283 -6.55 -21.36 28.80
CA PRO A 283 -6.75 -19.93 28.51
C PRO A 283 -5.94 -19.42 27.33
N GLU A 284 -4.79 -20.03 27.07
CA GLU A 284 -3.93 -19.63 25.95
C GLU A 284 -4.54 -19.94 24.59
N GLU A 285 -5.64 -20.73 24.54
CA GLU A 285 -6.31 -21.06 23.29
C GLU A 285 -7.56 -20.24 23.08
N VAL A 286 -7.76 -19.22 23.93
CA VAL A 286 -8.93 -18.34 23.85
C VAL A 286 -8.53 -17.08 23.09
N SER A 287 -9.28 -16.75 22.06
CA SER A 287 -8.97 -15.59 21.24
C SER A 287 -8.84 -14.33 22.09
N GLU A 288 -7.91 -13.44 21.70
CA GLU A 288 -7.76 -12.13 22.34
C GLU A 288 -8.71 -11.07 21.81
N THR A 289 -9.52 -11.40 20.80
CA THR A 289 -10.50 -10.48 20.21
C THR A 289 -11.91 -11.01 20.44
N GLN A 290 -12.90 -10.15 20.16
CA GLN A 290 -14.31 -10.56 20.21
C GLN A 290 -15.17 -9.55 19.46
N GLY A 291 -16.37 -9.98 19.16
CA GLY A 291 -17.38 -9.10 18.58
C GLY A 291 -18.00 -8.15 19.58
N THR A 292 -19.13 -7.59 19.15
CA THR A 292 -19.96 -6.69 19.92
C THR A 292 -21.26 -7.44 20.25
N GLU A 293 -21.63 -7.49 21.53
CA GLU A 293 -22.81 -8.26 21.92
C GLU A 293 -24.10 -7.59 21.45
N ARG A 294 -25.09 -8.40 21.08
CA ARG A 294 -26.40 -7.86 20.76
C ARG A 294 -27.37 -7.97 21.91
N LEU A 295 -27.04 -8.80 22.91
CA LEU A 295 -27.77 -8.91 24.16
C LEU A 295 -26.87 -8.32 25.23
N THR A 296 -27.47 -7.59 26.15
CA THR A 296 -26.70 -6.94 27.20
C THR A 296 -26.07 -7.96 28.14
N ILE A 297 -24.77 -7.87 28.34
CA ILE A 297 -24.05 -8.69 29.31
C ILE A 297 -23.85 -7.88 30.59
N THR A 298 -24.31 -8.42 31.72
CA THR A 298 -24.09 -7.84 33.03
C THR A 298 -23.18 -8.78 33.79
N TYR A 299 -21.94 -8.34 34.06
CA TYR A 299 -20.98 -9.05 34.88
C TYR A 299 -21.19 -8.67 36.35
N SER A 300 -20.81 -9.57 37.24
CA SER A 300 -21.00 -9.36 38.67
C SER A 300 -22.29 -8.58 39.01
N GLN B 1 -15.82 -11.53 -18.46
CA GLN B 1 -16.71 -10.36 -18.29
C GLN B 1 -17.29 -10.33 -16.86
N VAL B 2 -16.65 -11.02 -15.91
CA VAL B 2 -17.05 -10.86 -14.52
C VAL B 2 -16.84 -9.41 -14.15
N GLN B 3 -17.88 -8.77 -13.63
CA GLN B 3 -17.73 -7.39 -13.17
C GLN B 3 -18.38 -7.19 -11.81
N LEU B 4 -17.64 -6.52 -10.92
CA LEU B 4 -18.07 -6.17 -9.58
C LEU B 4 -17.93 -4.66 -9.43
N GLN B 5 -18.98 -4.00 -8.93
CA GLN B 5 -18.92 -2.54 -8.75
C GLN B 5 -19.55 -2.16 -7.41
N GLU B 6 -18.71 -1.67 -6.49
CA GLU B 6 -19.14 -1.26 -5.17
C GLU B 6 -19.73 0.14 -5.18
N SER B 7 -20.61 0.41 -4.23
CA SER B 7 -21.44 1.60 -4.11
C SER B 7 -21.65 1.82 -2.62
N GLY B 8 -21.74 3.08 -2.20
CA GLY B 8 -22.35 3.43 -0.93
C GLY B 8 -21.41 3.91 0.15
N GLY B 9 -20.12 4.04 -0.14
CA GLY B 9 -19.18 4.56 0.83
C GLY B 9 -19.40 6.04 1.09
N GLY B 10 -18.55 6.60 1.92
CA GLY B 10 -18.61 8.02 2.20
C GLY B 10 -17.86 8.38 3.46
N LEU B 11 -18.01 9.65 3.84
CA LEU B 11 -17.41 10.26 5.02
C LEU B 11 -18.51 10.42 6.06
N VAL B 12 -18.35 9.76 7.20
CA VAL B 12 -19.38 9.74 8.23
C VAL B 12 -18.73 9.82 9.61
N GLN B 13 -19.57 10.02 10.60
CA GLN B 13 -19.13 10.21 11.98
C GLN B 13 -19.28 8.92 12.74
N PRO B 14 -18.47 8.74 13.78
CA PRO B 14 -18.63 7.58 14.65
C PRO B 14 -20.08 7.44 15.08
N GLY B 15 -20.51 6.21 15.26
CA GLY B 15 -21.89 5.92 15.59
C GLY B 15 -22.83 5.88 14.40
N GLY B 16 -22.44 6.48 13.29
CA GLY B 16 -23.26 6.48 12.10
C GLY B 16 -23.35 5.11 11.47
N SER B 17 -24.03 5.07 10.33
CA SER B 17 -24.34 3.86 9.59
C SER B 17 -24.08 4.16 8.13
N LEU B 18 -23.78 3.10 7.39
CA LEU B 18 -23.76 3.14 5.94
C LEU B 18 -24.19 1.78 5.41
N ARG B 19 -24.64 1.75 4.16
CA ARG B 19 -25.03 0.51 3.50
C ARG B 19 -24.26 0.45 2.20
N LEU B 20 -23.37 -0.53 2.08
CA LEU B 20 -22.64 -0.74 0.84
C LEU B 20 -23.44 -1.68 -0.06
N SER B 21 -23.34 -1.43 -1.37
CA SER B 21 -23.90 -2.32 -2.38
C SER B 21 -22.82 -2.75 -3.36
N CYS B 22 -22.98 -3.94 -3.89
CA CYS B 22 -22.08 -4.44 -4.93
C CYS B 22 -22.97 -5.12 -5.97
N ALA B 23 -23.04 -4.54 -7.16
CA ALA B 23 -23.80 -5.13 -8.28
C ALA B 23 -22.86 -6.03 -9.05
N ALA B 24 -23.28 -7.27 -9.24
CA ALA B 24 -22.49 -8.27 -9.96
C ALA B 24 -23.11 -8.54 -11.33
N SER B 25 -22.27 -8.98 -12.26
CA SER B 25 -22.67 -9.22 -13.63
C SER B 25 -21.56 -10.06 -14.27
N GLY B 26 -21.92 -10.79 -15.31
CA GLY B 26 -20.93 -11.60 -15.99
C GLY B 26 -20.72 -12.97 -15.39
N PHE B 27 -21.63 -13.42 -14.53
CA PHE B 27 -21.58 -14.75 -13.96
C PHE B 27 -22.92 -14.96 -13.29
N THR B 28 -23.25 -16.24 -13.04
CA THR B 28 -24.49 -16.61 -12.37
C THR B 28 -24.31 -16.34 -10.88
N PHE B 29 -24.79 -15.17 -10.45
CA PHE B 29 -24.54 -14.69 -9.10
C PHE B 29 -25.07 -15.67 -8.05
N LYS B 30 -26.25 -16.23 -8.31
CA LYS B 30 -26.91 -17.13 -7.36
C LYS B 30 -26.10 -18.38 -7.02
N MET B 31 -25.07 -18.70 -7.79
N MET B 31 -25.07 -18.72 -7.78
CA MET B 31 -24.33 -19.94 -7.60
CA MET B 31 -24.35 -19.95 -7.55
C MET B 31 -23.09 -19.78 -6.73
C MET B 31 -23.00 -19.75 -6.87
N TYR B 32 -22.74 -18.56 -6.32
CA TYR B 32 -21.42 -18.29 -5.77
C TYR B 32 -21.58 -17.67 -4.40
N ALA B 33 -20.83 -18.20 -3.43
CA ALA B 33 -20.56 -17.45 -2.21
C ALA B 33 -19.93 -16.12 -2.60
N MET B 34 -20.15 -15.11 -1.76
CA MET B 34 -19.61 -13.77 -1.99
C MET B 34 -19.01 -13.22 -0.69
N SER B 35 -18.06 -12.30 -0.82
CA SER B 35 -17.45 -11.72 0.39
C SER B 35 -17.18 -10.23 0.24
N TRP B 36 -17.05 -9.58 1.39
CA TRP B 36 -16.52 -8.24 1.51
C TRP B 36 -15.14 -8.35 2.13
N VAL B 37 -14.19 -7.59 1.58
CA VAL B 37 -12.83 -7.47 2.11
C VAL B 37 -12.57 -5.98 2.17
N ARG B 38 -11.53 -5.60 2.92
CA ARG B 38 -11.23 -4.18 3.02
C ARG B 38 -9.74 -3.96 3.16
N GLN B 39 -9.32 -2.77 2.75
CA GLN B 39 -7.94 -2.31 2.90
C GLN B 39 -7.96 -1.02 3.70
N ALA B 40 -7.64 -1.12 4.99
CA ALA B 40 -7.55 0.01 5.90
C ALA B 40 -6.23 0.72 5.69
N PRO B 41 -6.12 1.97 6.18
CA PRO B 41 -4.87 2.72 6.01
C PRO B 41 -3.71 2.00 6.66
N GLY B 42 -2.62 1.88 5.90
CA GLY B 42 -1.42 1.23 6.39
C GLY B 42 -1.40 -0.26 6.28
N LYS B 43 -2.49 -0.90 5.85
CA LYS B 43 -2.60 -2.35 5.96
C LYS B 43 -2.86 -3.01 4.62
N GLY B 44 -2.86 -4.36 4.64
CA GLY B 44 -3.22 -5.14 3.48
C GLY B 44 -4.71 -5.39 3.38
N LEU B 45 -5.08 -6.32 2.47
CA LEU B 45 -6.47 -6.72 2.28
C LEU B 45 -6.87 -7.65 3.42
N GLU B 46 -7.91 -7.28 4.15
CA GLU B 46 -8.41 -8.01 5.31
C GLU B 46 -9.83 -8.43 5.02
N TRP B 47 -10.14 -9.70 5.25
CA TRP B 47 -11.51 -10.15 5.07
C TRP B 47 -12.41 -9.57 6.14
N VAL B 48 -13.64 -9.22 5.72
CA VAL B 48 -14.67 -8.67 6.57
C VAL B 48 -15.82 -9.66 6.81
N SER B 49 -16.40 -10.21 5.75
CA SER B 49 -17.62 -11.02 5.89
C SER B 49 -17.83 -11.86 4.65
N SER B 50 -18.37 -13.06 4.86
CA SER B 50 -18.74 -13.90 3.72
C SER B 50 -20.19 -14.36 3.89
N ILE B 51 -20.81 -14.73 2.77
CA ILE B 51 -22.19 -15.21 2.73
C ILE B 51 -22.25 -16.26 1.63
N ASN B 52 -22.95 -17.36 1.93
CA ASN B 52 -23.06 -18.45 0.98
C ASN B 52 -24.07 -18.14 -0.13
N SER B 53 -24.12 -19.05 -1.10
CA SER B 53 -24.94 -18.86 -2.31
C SER B 53 -26.39 -18.50 -1.99
N ALA B 54 -27.02 -19.27 -1.11
CA ALA B 54 -28.45 -19.09 -0.86
C ALA B 54 -28.73 -17.88 -0.02
N GLY B 55 -27.73 -17.43 0.75
CA GLY B 55 -27.87 -16.31 1.65
C GLY B 55 -28.11 -16.68 3.09
N GLY B 56 -28.08 -17.96 3.42
CA GLY B 56 -28.56 -18.38 4.72
C GLY B 56 -27.52 -18.42 5.81
N SER B 57 -26.27 -18.55 5.41
CA SER B 57 -25.17 -18.75 6.32
C SER B 57 -24.16 -17.64 6.09
N THR B 58 -23.73 -17.01 7.17
CA THR B 58 -22.84 -15.85 7.13
C THR B 58 -21.71 -16.00 8.15
N SER B 59 -20.66 -15.23 7.94
CA SER B 59 -19.40 -15.30 8.66
C SER B 59 -18.83 -13.89 8.72
N TYR B 60 -18.26 -13.52 9.87
CA TYR B 60 -17.75 -12.17 10.08
C TYR B 60 -16.43 -12.20 10.83
N VAL B 61 -15.54 -11.26 10.48
CA VAL B 61 -14.36 -11.01 11.30
C VAL B 61 -14.82 -10.44 12.64
N ASP B 62 -14.09 -10.80 13.71
CA ASP B 62 -14.55 -10.48 15.06
C ASP B 62 -14.81 -8.99 15.21
N SER B 63 -13.96 -8.18 14.61
CA SER B 63 -13.98 -6.75 14.82
C SER B 63 -15.24 -6.09 14.29
N VAL B 64 -16.00 -6.77 13.43
CA VAL B 64 -17.26 -6.23 12.92
C VAL B 64 -18.47 -7.04 13.38
N LYS B 65 -18.24 -8.17 14.03
CA LYS B 65 -19.34 -9.01 14.47
C LYS B 65 -20.23 -8.23 15.40
N GLY B 66 -21.54 -8.34 15.18
CA GLY B 66 -22.53 -7.62 15.96
C GLY B 66 -22.74 -6.18 15.55
N ARG B 67 -21.97 -5.67 14.60
CA ARG B 67 -22.17 -4.34 14.05
C ARG B 67 -22.49 -4.34 12.56
N PHE B 68 -21.90 -5.26 11.79
CA PHE B 68 -22.12 -5.32 10.35
C PHE B 68 -22.98 -6.53 10.04
N THR B 69 -23.82 -6.42 9.02
CA THR B 69 -24.64 -7.52 8.51
C THR B 69 -24.44 -7.63 7.01
N ILE B 70 -24.05 -8.80 6.55
CA ILE B 70 -23.93 -9.10 5.13
C ILE B 70 -25.23 -9.71 4.69
N SER B 71 -25.66 -9.41 3.46
CA SER B 71 -26.88 -9.97 2.90
C SER B 71 -26.73 -9.90 1.39
N ARG B 72 -27.67 -10.57 0.69
CA ARG B 72 -27.64 -10.58 -0.77
C ARG B 72 -29.06 -10.71 -1.32
N ASP B 73 -29.27 -10.10 -2.47
CA ASP B 73 -30.54 -10.22 -3.19
C ASP B 73 -30.22 -10.93 -4.49
N ASN B 74 -30.50 -12.24 -4.54
CA ASN B 74 -30.10 -13.01 -5.71
C ASN B 74 -30.95 -12.67 -6.93
N ALA B 75 -32.21 -12.26 -6.71
CA ALA B 75 -33.03 -11.77 -7.81
C ALA B 75 -32.36 -10.57 -8.49
N LYS B 76 -31.73 -9.69 -7.73
CA LYS B 76 -31.20 -8.45 -8.26
C LYS B 76 -29.68 -8.47 -8.45
N ASN B 77 -29.04 -9.62 -8.29
CA ASN B 77 -27.59 -9.76 -8.48
C ASN B 77 -26.82 -8.73 -7.66
N THR B 78 -27.20 -8.59 -6.40
CA THR B 78 -26.61 -7.56 -5.55
C THR B 78 -26.20 -8.13 -4.20
N LEU B 79 -25.04 -7.69 -3.75
CA LEU B 79 -24.51 -7.99 -2.43
C LEU B 79 -24.51 -6.71 -1.61
N TYR B 80 -24.84 -6.84 -0.33
CA TYR B 80 -24.95 -5.71 0.57
C TYR B 80 -24.08 -5.90 1.79
N LEU B 81 -23.69 -4.78 2.39
CA LEU B 81 -23.02 -4.75 3.69
C LEU B 81 -23.62 -3.60 4.48
N GLN B 82 -24.45 -3.91 5.45
CA GLN B 82 -24.99 -2.91 6.35
C GLN B 82 -24.00 -2.68 7.48
N MET B 83 -23.45 -1.48 7.56
CA MET B 83 -22.44 -1.15 8.55
C MET B 83 -23.07 -0.22 9.60
N ASN B 84 -23.31 -0.73 10.80
CA ASN B 84 -23.88 0.05 11.89
C ASN B 84 -22.81 0.31 12.95
N SER B 85 -23.11 1.24 13.86
CA SER B 85 -22.20 1.57 14.93
C SER B 85 -20.77 1.74 14.45
N LEU B 86 -20.61 2.56 13.41
CA LEU B 86 -19.31 2.73 12.79
C LEU B 86 -18.29 3.35 13.75
N LYS B 87 -17.07 2.84 13.65
CA LYS B 87 -15.92 3.23 14.43
C LYS B 87 -14.84 3.81 13.53
N PRO B 88 -13.98 4.68 14.06
CA PRO B 88 -12.87 5.16 13.25
C PRO B 88 -12.05 4.04 12.63
N ASP B 89 -11.89 2.92 13.33
CA ASP B 89 -11.07 1.88 12.76
C ASP B 89 -11.76 1.13 11.60
N ASP B 90 -13.04 1.44 11.32
CA ASP B 90 -13.68 0.89 10.13
C ASP B 90 -13.27 1.62 8.86
N THR B 91 -12.52 2.70 8.99
CA THR B 91 -12.03 3.42 7.83
C THR B 91 -11.21 2.50 6.94
N ALA B 92 -11.57 2.49 5.65
CA ALA B 92 -10.95 1.60 4.68
C ALA B 92 -11.62 1.72 3.32
N VAL B 93 -10.91 1.23 2.30
CA VAL B 93 -11.58 0.94 1.04
C VAL B 93 -12.20 -0.46 1.15
N TYR B 94 -13.49 -0.54 0.85
CA TYR B 94 -14.24 -1.79 0.94
C TYR B 94 -14.46 -2.36 -0.46
N TYR B 95 -14.12 -3.64 -0.62
CA TYR B 95 -14.21 -4.32 -1.91
C TYR B 95 -15.13 -5.52 -1.82
N CYS B 96 -15.89 -5.73 -2.90
CA CYS B 96 -16.64 -6.95 -3.21
C CYS B 96 -15.76 -7.95 -3.93
N VAL B 97 -15.85 -9.23 -3.53
CA VAL B 97 -15.10 -10.30 -4.19
C VAL B 97 -15.97 -11.54 -4.36
N GLN B 98 -15.70 -12.28 -5.44
CA GLN B 98 -16.36 -13.56 -5.69
C GLN B 98 -15.76 -14.63 -4.79
N GLY B 99 -16.63 -15.43 -4.18
CA GLY B 99 -16.19 -16.60 -3.45
C GLY B 99 -15.84 -16.18 -2.05
N ARG B 100 -15.28 -17.14 -1.30
CA ARG B 100 -14.89 -16.91 0.09
C ARG B 100 -13.47 -17.42 0.40
N ASN B 101 -12.68 -17.74 -0.63
CA ASN B 101 -11.34 -18.27 -0.40
C ASN B 101 -10.31 -17.40 -1.11
N TRP B 102 -9.30 -17.07 -0.40
CA TRP B 102 -8.20 -16.28 -0.91
C TRP B 102 -7.23 -17.20 -1.64
N PRO B 103 -6.57 -16.72 -2.70
CA PRO B 103 -6.58 -15.38 -3.32
C PRO B 103 -7.82 -15.14 -4.19
N TYR B 104 -8.33 -13.92 -4.18
CA TYR B 104 -9.56 -13.60 -4.90
C TYR B 104 -9.27 -13.13 -6.32
N ASP B 105 -9.70 -13.95 -7.29
CA ASP B 105 -9.45 -13.64 -8.70
C ASP B 105 -10.24 -12.43 -9.17
N TYR B 106 -11.42 -12.20 -8.61
CA TYR B 106 -12.32 -11.16 -9.07
C TYR B 106 -12.67 -10.24 -7.91
N ARG B 107 -12.32 -8.95 -8.04
CA ARG B 107 -12.54 -7.91 -7.05
C ARG B 107 -13.01 -6.66 -7.77
N GLY B 108 -13.95 -5.94 -7.17
CA GLY B 108 -14.39 -4.67 -7.68
C GLY B 108 -13.35 -3.56 -7.50
N GLN B 109 -13.78 -2.35 -7.85
CA GLN B 109 -12.86 -1.22 -7.75
C GLN B 109 -12.80 -0.65 -6.34
N GLY B 110 -13.77 -0.96 -5.48
CA GLY B 110 -13.76 -0.49 -4.11
C GLY B 110 -14.65 0.73 -3.93
N THR B 111 -15.10 0.93 -2.68
CA THR B 111 -15.82 2.13 -2.28
C THR B 111 -15.21 2.60 -0.97
N GLN B 112 -14.80 3.86 -0.92
CA GLN B 112 -14.06 4.39 0.22
C GLN B 112 -15.01 4.67 1.37
N VAL B 113 -14.61 4.26 2.57
CA VAL B 113 -15.35 4.57 3.80
C VAL B 113 -14.39 5.22 4.78
N THR B 114 -14.77 6.38 5.29
CA THR B 114 -13.96 7.13 6.23
C THR B 114 -14.85 7.54 7.40
N VAL B 115 -14.53 7.05 8.59
CA VAL B 115 -15.24 7.39 9.82
C VAL B 115 -14.35 8.31 10.63
N SER B 116 -14.84 9.51 10.89
CA SER B 116 -14.00 10.53 11.53
C SER B 116 -14.77 11.36 12.56
N ARG C 19 -12.94 10.80 -7.66
CA ARG C 19 -11.68 11.51 -7.41
C ARG C 19 -11.77 13.03 -7.62
N ASN C 20 -11.40 13.82 -6.61
CA ASN C 20 -11.67 15.27 -6.60
C ASN C 20 -10.34 16.00 -6.79
N ASP C 21 -10.20 16.64 -7.94
CA ASP C 21 -8.91 17.22 -8.30
C ASP C 21 -8.60 18.45 -7.48
N ASP C 22 -9.64 19.18 -7.06
CA ASP C 22 -9.45 20.32 -6.17
C ASP C 22 -8.89 19.87 -4.83
N VAL C 23 -9.38 18.74 -4.31
CA VAL C 23 -8.81 18.17 -3.11
C VAL C 23 -7.36 17.79 -3.34
N ASP C 24 -7.08 17.10 -4.46
CA ASP C 24 -5.71 16.62 -4.73
C ASP C 24 -4.74 17.78 -4.82
N GLN C 25 -5.13 18.83 -5.54
CA GLN C 25 -4.24 19.97 -5.74
C GLN C 25 -3.96 20.71 -4.42
N SER C 26 -4.98 20.91 -3.59
CA SER C 26 -4.79 21.58 -2.32
C SER C 26 -3.97 20.73 -1.35
N LEU C 27 -4.17 19.41 -1.40
CA LEU C 27 -3.37 18.49 -0.60
C LEU C 27 -1.88 18.60 -0.94
N ILE C 28 -1.54 18.66 -2.23
CA ILE C 28 -0.13 18.83 -2.63
C ILE C 28 0.42 20.13 -2.07
N ILE C 29 -0.33 21.23 -2.21
CA ILE C 29 0.16 22.51 -1.71
C ILE C 29 0.36 22.47 -0.19
N ALA C 30 -0.64 21.95 0.51
CA ALA C 30 -0.52 21.81 1.95
C ALA C 30 0.73 21.01 2.31
N ALA C 31 0.91 19.87 1.64
CA ALA C 31 1.97 18.94 2.03
C ALA C 31 3.36 19.54 1.79
N ARG C 32 3.54 20.22 0.65
CA ARG C 32 4.79 20.93 0.38
C ARG C 32 5.12 21.95 1.44
N ASN C 33 4.16 22.80 1.82
CA ASN C 33 4.38 23.80 2.84
C ASN C 33 4.76 23.15 4.16
N ILE C 34 4.09 22.08 4.51
CA ILE C 34 4.36 21.44 5.79
C ILE C 34 5.74 20.81 5.78
N VAL C 35 6.10 20.14 4.69
CA VAL C 35 7.43 19.52 4.62
C VAL C 35 8.51 20.58 4.77
N ARG C 36 8.37 21.68 4.06
CA ARG C 36 9.38 22.72 4.12
C ARG C 36 9.50 23.30 5.52
N ARG C 37 8.38 23.55 6.19
CA ARG C 37 8.42 24.14 7.52
C ARG C 37 8.95 23.15 8.54
N ALA C 38 8.58 21.88 8.40
CA ALA C 38 9.07 20.87 9.33
C ALA C 38 10.59 20.69 9.24
N THR C 39 11.18 20.91 8.06
CA THR C 39 12.62 20.66 7.97
C THR C 39 13.40 21.60 8.87
N VAL C 40 12.86 22.77 9.22
CA VAL C 40 13.53 23.73 10.10
C VAL C 40 13.09 23.51 11.54
N SER C 41 13.42 22.36 12.07
CA SER C 41 13.13 22.02 13.46
C SER C 41 14.14 20.94 13.87
N THR C 42 14.25 20.73 15.18
CA THR C 42 15.19 19.73 15.64
C THR C 42 14.64 18.35 15.45
N ASP C 43 13.33 18.19 15.27
CA ASP C 43 12.73 16.87 15.02
C ASP C 43 11.71 17.03 13.90
N PRO C 44 12.18 17.11 12.65
CA PRO C 44 11.23 17.30 11.52
C PRO C 44 10.06 16.32 11.48
N LEU C 45 10.26 15.04 11.78
CA LEU C 45 9.16 14.09 11.71
C LEU C 45 8.08 14.43 12.71
N ALA C 46 8.47 14.72 13.96
CA ALA C 46 7.51 15.11 14.97
C ALA C 46 6.77 16.39 14.58
N SER C 47 7.50 17.37 14.03
CA SER C 47 6.88 18.63 13.66
C SER C 47 5.94 18.45 12.49
N LEU C 48 6.36 17.65 11.51
CA LEU C 48 5.49 17.38 10.39
C LEU C 48 4.20 16.71 10.85
N LEU C 49 4.30 15.73 11.73
CA LEU C 49 3.10 15.05 12.20
C LEU C 49 2.17 16.01 12.95
N GLU C 50 2.71 16.81 13.86
CA GLU C 50 1.89 17.83 14.50
C GLU C 50 1.17 18.72 13.49
N MET C 51 1.90 19.22 12.48
CA MET C 51 1.27 20.06 11.46
C MET C 51 0.20 19.31 10.67
N CYS C 52 0.49 18.08 10.26
CA CYS C 52 -0.52 17.28 9.55
C CYS C 52 -1.79 17.11 10.38
N HIS C 53 -1.64 16.87 11.68
CA HIS C 53 -2.79 16.70 12.57
C HIS C 53 -3.52 18.00 12.85
N SER C 54 -2.94 19.15 12.51
CA SER C 54 -3.53 20.46 12.77
C SER C 54 -3.92 21.22 11.51
N THR C 55 -3.91 20.57 10.36
CA THR C 55 -4.18 21.22 9.08
C THR C 55 -5.50 20.71 8.53
N GLN C 56 -6.27 21.59 7.94
CA GLN C 56 -7.52 21.20 7.28
C GLN C 56 -7.47 21.65 5.84
N ILE C 57 -8.11 20.88 4.99
CA ILE C 57 -8.18 21.14 3.55
C ILE C 57 -9.66 21.06 3.14
N GLY C 58 -10.18 22.18 2.67
CA GLY C 58 -11.61 22.29 2.41
C GLY C 58 -12.47 21.80 3.55
N GLY C 59 -12.12 22.17 4.79
CA GLY C 59 -12.86 21.77 5.95
C GLY C 59 -12.72 20.33 6.35
N ILE C 60 -11.85 19.56 5.72
CA ILE C 60 -11.61 18.17 6.07
C ILE C 60 -10.21 18.05 6.68
N ARG C 61 -10.08 17.24 7.72
CA ARG C 61 -8.78 17.03 8.32
C ARG C 61 -7.77 16.50 7.29
N MET C 62 -6.58 17.10 7.27
CA MET C 62 -5.55 16.56 6.37
C MET C 62 -5.31 15.08 6.62
N VAL C 63 -5.37 14.62 7.87
N VAL C 63 -5.35 14.63 7.87
CA VAL C 63 -5.09 13.21 8.10
CA VAL C 63 -5.09 13.22 8.12
C VAL C 63 -6.16 12.31 7.48
C VAL C 63 -6.16 12.33 7.47
N ASP C 64 -7.42 12.75 7.53
CA ASP C 64 -8.46 11.97 6.86
C ASP C 64 -8.21 11.91 5.37
N ILE C 65 -7.76 13.01 4.77
CA ILE C 65 -7.53 13.02 3.34
C ILE C 65 -6.34 12.11 3.00
N LEU C 66 -5.25 12.26 3.74
CA LEU C 66 -4.08 11.43 3.46
C LEU C 66 -4.40 9.94 3.56
N ARG C 67 -5.29 9.56 4.47
CA ARG C 67 -5.66 8.17 4.64
C ARG C 67 -6.48 7.60 3.49
N GLN C 68 -7.07 8.43 2.62
CA GLN C 68 -7.92 7.91 1.55
C GLN C 68 -7.54 8.41 0.16
N ASN C 69 -6.58 9.22 0.02
CA ASN C 69 -6.37 9.89 -1.25
C ASN C 69 -5.23 9.23 -2.00
N PRO C 70 -5.37 8.94 -3.30
CA PRO C 70 -4.34 8.17 -4.00
C PRO C 70 -3.20 8.98 -4.59
N THR C 71 -3.20 10.29 -4.35
CA THR C 71 -2.18 11.17 -4.90
C THR C 71 -0.79 10.69 -4.46
N GLU C 72 0.06 10.45 -5.44
CA GLU C 72 1.47 10.14 -5.25
C GLU C 72 2.19 11.39 -5.78
N GLU C 73 2.64 12.22 -4.87
CA GLU C 73 3.44 13.41 -5.09
C GLU C 73 4.42 13.33 -3.94
N GLN C 74 5.62 13.85 -4.11
CA GLN C 74 6.70 13.59 -3.15
C GLN C 74 6.37 14.08 -1.73
N ALA C 75 5.91 15.33 -1.59
CA ALA C 75 5.60 15.84 -0.26
C ALA C 75 4.42 15.07 0.35
N VAL C 76 3.42 14.76 -0.46
CA VAL C 76 2.27 13.99 0.01
C VAL C 76 2.74 12.62 0.48
N ASP C 77 3.63 11.98 -0.26
CA ASP C 77 4.14 10.64 0.14
C ASP C 77 5.03 10.70 1.38
N ILE C 78 5.78 11.78 1.60
CA ILE C 78 6.49 11.93 2.87
C ILE C 78 5.48 11.99 4.01
N CYS C 79 4.41 12.80 3.86
CA CYS C 79 3.38 12.87 4.88
C CYS C 79 2.70 11.52 5.08
N LYS C 80 2.41 10.81 3.99
CA LYS C 80 1.80 9.50 4.13
C LYS C 80 2.73 8.56 4.87
N ALA C 81 4.02 8.52 4.50
CA ALA C 81 5.00 7.70 5.23
C ALA C 81 5.01 8.05 6.72
N ALA C 82 4.94 9.32 7.05
CA ALA C 82 4.95 9.71 8.44
C ALA C 82 3.73 9.16 9.20
N MET C 83 2.62 9.00 8.51
CA MET C 83 1.39 8.46 9.09
C MET C 83 1.34 6.93 9.06
N GLY C 84 2.39 6.26 8.58
CA GLY C 84 2.40 4.81 8.52
C GLY C 84 1.66 4.20 7.36
N LEU C 85 1.52 4.93 6.27
CA LEU C 85 0.73 4.50 5.12
C LEU C 85 1.64 4.02 4.01
N ARG C 86 1.09 3.18 3.12
CA ARG C 86 1.88 2.70 2.00
C ARG C 86 1.94 3.75 0.89
N ILE C 87 3.07 3.78 0.21
CA ILE C 87 3.30 4.68 -0.90
C ILE C 87 3.95 3.88 -2.02
N SER C 88 4.06 4.52 -3.18
CA SER C 88 4.77 3.98 -4.33
C SER C 88 6.16 3.50 -3.97
N SER C 89 6.52 2.36 -4.55
CA SER C 89 7.84 1.75 -4.41
C SER C 89 8.92 2.47 -5.22
N SER C 90 8.54 3.37 -6.12
CA SER C 90 9.49 4.08 -6.97
C SER C 90 10.17 5.20 -6.20
N PHE C 91 11.43 5.47 -6.54
CA PHE C 91 12.12 6.55 -5.88
C PHE C 91 12.03 7.80 -6.74
N SER C 92 12.33 8.93 -6.11
CA SER C 92 12.37 10.24 -6.75
C SER C 92 13.80 10.75 -6.74
N PHE C 93 14.27 11.24 -7.89
CA PHE C 93 15.57 11.89 -7.95
C PHE C 93 15.46 13.07 -8.88
N GLY C 94 15.87 14.23 -8.38
CA GLY C 94 15.77 15.42 -9.19
C GLY C 94 14.35 15.79 -9.52
N GLY C 95 13.39 15.29 -8.74
CA GLY C 95 12.00 15.56 -8.97
C GLY C 95 11.32 14.63 -9.95
N PHE C 96 12.07 13.72 -10.56
CA PHE C 96 11.53 12.72 -11.46
C PHE C 96 11.30 11.45 -10.68
N THR C 97 10.15 10.82 -10.88
CA THR C 97 9.87 9.48 -10.38
C THR C 97 10.53 8.47 -11.32
N PHE C 98 11.40 7.59 -10.77
CA PHE C 98 12.15 6.61 -11.52
C PHE C 98 11.40 5.27 -11.41
N LYS C 99 10.81 4.83 -12.52
CA LYS C 99 10.12 3.54 -12.63
C LYS C 99 11.13 2.56 -13.22
N ARG C 100 11.62 1.64 -12.40
CA ARG C 100 12.59 0.67 -12.89
C ARG C 100 11.97 -0.35 -13.84
N THR C 101 12.66 -0.63 -14.91
CA THR C 101 12.27 -1.67 -15.84
C THR C 101 13.29 -2.79 -15.98
N SER C 102 14.57 -2.53 -15.79
CA SER C 102 15.56 -3.59 -15.74
C SER C 102 16.57 -3.33 -14.62
N GLY C 103 17.21 -4.41 -14.16
CA GLY C 103 18.34 -4.32 -13.25
C GLY C 103 17.96 -4.48 -11.78
N SER C 104 19.01 -4.48 -10.94
CA SER C 104 18.93 -4.69 -9.50
C SER C 104 19.05 -3.38 -8.72
N SER C 105 18.59 -3.40 -7.46
CA SER C 105 18.90 -2.35 -6.51
C SER C 105 20.30 -2.48 -5.87
N VAL C 106 21.06 -3.52 -6.19
CA VAL C 106 22.36 -3.71 -5.54
C VAL C 106 23.33 -2.62 -5.99
N LYS C 107 24.09 -2.05 -5.02
CA LYS C 107 25.08 -1.02 -5.30
C LYS C 107 26.35 -1.24 -4.50
N LYS C 108 27.50 -0.90 -5.09
CA LYS C 108 28.79 -0.91 -4.43
C LYS C 108 29.18 0.53 -4.11
N GLU C 109 29.86 0.71 -2.99
CA GLU C 109 30.41 2.01 -2.63
C GLU C 109 31.67 2.27 -3.44
N GLU C 110 31.77 3.44 -4.05
CA GLU C 110 32.94 3.78 -4.84
C GLU C 110 33.28 5.24 -4.59
N GLU C 111 34.57 5.53 -4.54
CA GLU C 111 35.05 6.90 -4.43
C GLU C 111 35.41 7.39 -5.82
N VAL C 112 35.00 8.62 -6.12
CA VAL C 112 35.25 9.24 -7.41
C VAL C 112 35.82 10.62 -7.12
N LEU C 113 36.33 11.26 -8.19
CA LEU C 113 37.16 12.45 -8.07
C LEU C 113 36.57 13.55 -8.95
N THR C 114 36.12 14.64 -8.33
CA THR C 114 35.51 15.71 -9.09
C THR C 114 36.57 16.47 -9.88
N GLY C 115 36.10 17.35 -10.75
CA GLY C 115 37.00 18.22 -11.49
C GLY C 115 37.71 19.23 -10.62
N ASN C 116 37.32 19.36 -9.36
CA ASN C 116 38.10 20.14 -8.41
C ASN C 116 38.98 19.28 -7.53
N LEU C 117 39.13 17.99 -7.85
CA LEU C 117 39.97 17.08 -7.09
C LEU C 117 39.43 16.82 -5.68
N GLN C 118 38.12 16.91 -5.52
CA GLN C 118 37.42 16.56 -4.29
C GLN C 118 36.93 15.14 -4.46
N THR C 119 37.07 14.35 -3.40
CA THR C 119 36.60 12.96 -3.40
C THR C 119 35.13 12.88 -3.03
N LEU C 120 34.37 12.13 -3.80
CA LEU C 120 32.97 11.90 -3.48
C LEU C 120 32.76 10.39 -3.32
N LYS C 121 32.03 10.00 -2.27
CA LYS C 121 31.66 8.61 -2.02
C LYS C 121 30.25 8.41 -2.57
N ILE C 122 30.15 7.63 -3.64
CA ILE C 122 28.85 7.34 -4.26
C ILE C 122 28.57 5.85 -4.23
N ARG C 123 27.33 5.51 -4.44
CA ARG C 123 26.90 4.11 -4.51
C ARG C 123 26.50 3.81 -5.94
N VAL C 124 27.13 2.80 -6.52
CA VAL C 124 27.12 2.55 -7.97
C VAL C 124 26.48 1.19 -8.22
N HIS C 125 25.47 1.17 -9.08
CA HIS C 125 24.97 -0.11 -9.58
C HIS C 125 25.87 -0.60 -10.71
N GLU C 126 26.34 -1.84 -10.60
CA GLU C 126 27.10 -2.47 -11.67
C GLU C 126 26.14 -3.23 -12.57
N GLY C 127 26.23 -2.99 -13.86
CA GLY C 127 25.45 -3.72 -14.84
C GLY C 127 24.37 -2.86 -15.49
N TYR C 128 23.68 -3.48 -16.43
CA TYR C 128 22.69 -2.75 -17.21
C TYR C 128 21.47 -2.47 -16.36
N GLU C 129 20.93 -1.25 -16.47
CA GLU C 129 19.64 -0.97 -15.88
C GLU C 129 18.91 0.07 -16.73
N GLU C 130 17.61 0.15 -16.51
CA GLU C 130 16.70 0.89 -17.37
C GLU C 130 15.56 1.40 -16.53
N PHE C 131 15.18 2.66 -16.79
CA PHE C 131 14.12 3.33 -16.05
C PHE C 131 13.32 4.18 -17.01
N THR C 132 12.05 4.45 -16.64
CA THR C 132 11.31 5.57 -17.20
CA THR C 132 11.31 5.57 -17.20
C THR C 132 11.32 6.68 -16.15
N MET C 133 11.74 7.89 -16.54
CA MET C 133 11.75 9.03 -15.64
C MET C 133 10.45 9.80 -15.88
N VAL C 134 9.64 9.92 -14.86
CA VAL C 134 8.34 10.59 -14.94
C VAL C 134 8.38 11.88 -14.15
N GLY C 135 8.34 13.01 -14.85
CA GLY C 135 8.35 14.30 -14.21
C GLY C 135 7.08 15.07 -14.54
N ARG C 136 6.88 16.19 -13.85
CA ARG C 136 5.71 17.04 -14.08
C ARG C 136 5.73 17.77 -15.42
N ARG C 137 6.88 17.93 -16.03
CA ARG C 137 7.00 18.66 -17.28
C ARG C 137 7.84 17.93 -18.30
N ALA C 138 8.25 16.69 -18.03
CA ALA C 138 9.06 15.92 -18.96
C ALA C 138 9.01 14.43 -18.58
N THR C 139 9.26 13.59 -19.55
CA THR C 139 9.23 12.14 -19.42
C THR C 139 10.39 11.56 -20.21
N ALA C 140 11.05 10.53 -19.69
CA ALA C 140 12.20 10.03 -20.41
C ALA C 140 12.41 8.54 -20.17
N ILE C 141 12.99 7.90 -21.16
CA ILE C 141 13.60 6.58 -21.05
C ILE C 141 15.10 6.75 -20.84
N LEU C 142 15.62 6.12 -19.80
CA LEU C 142 17.03 6.14 -19.43
C LEU C 142 17.54 4.70 -19.45
N ARG C 143 18.47 4.41 -20.34
CA ARG C 143 19.22 3.15 -20.33
C ARG C 143 20.65 3.45 -19.93
N LYS C 144 21.16 2.69 -18.96
CA LYS C 144 22.51 2.96 -18.48
C LYS C 144 23.21 1.66 -18.07
N ALA C 145 24.53 1.75 -18.01
CA ALA C 145 25.34 0.67 -17.45
C ALA C 145 26.22 1.31 -16.36
N THR C 146 27.22 0.58 -15.90
CA THR C 146 28.05 1.09 -14.81
C THR C 146 28.72 2.41 -15.17
N ARG C 147 28.33 3.48 -14.49
CA ARG C 147 28.82 4.84 -14.73
C ARG C 147 28.84 5.18 -16.21
N ARG C 148 27.75 4.86 -16.92
CA ARG C 148 27.71 5.10 -18.35
C ARG C 148 26.27 5.30 -18.76
N LEU C 149 25.99 6.45 -19.36
CA LEU C 149 24.69 6.67 -19.98
C LEU C 149 24.70 5.99 -21.35
N ILE C 150 23.80 5.04 -21.56
CA ILE C 150 23.69 4.43 -22.88
C ILE C 150 22.74 5.20 -23.78
N GLN C 151 21.48 5.38 -23.35
CA GLN C 151 20.55 6.21 -24.10
C GLN C 151 19.62 6.99 -23.18
N LEU C 152 19.35 8.25 -23.52
CA LEU C 152 18.29 9.05 -22.92
C LEU C 152 17.40 9.52 -24.07
N ILE C 153 16.12 9.16 -24.02
CA ILE C 153 15.10 9.65 -24.95
C ILE C 153 14.08 10.42 -24.11
N VAL C 154 13.99 11.74 -24.32
CA VAL C 154 13.20 12.61 -23.46
C VAL C 154 12.21 13.41 -24.28
N SER C 155 10.98 13.55 -23.76
CA SER C 155 10.02 14.54 -24.27
C SER C 155 9.66 15.46 -23.11
N GLY C 156 9.32 16.71 -23.44
CA GLY C 156 8.94 17.64 -22.39
C GLY C 156 8.22 18.87 -22.92
N ARG C 157 7.80 19.73 -21.99
CA ARG C 157 6.86 20.81 -22.33
C ARG C 157 7.60 21.99 -22.93
N ASP C 158 8.88 22.18 -22.61
CA ASP C 158 9.60 23.36 -23.09
C ASP C 158 11.10 23.10 -22.95
N GLU C 159 11.90 24.06 -23.41
CA GLU C 159 13.34 23.87 -23.45
C GLU C 159 13.91 23.63 -22.05
N GLN C 160 13.51 24.45 -21.08
CA GLN C 160 14.04 24.32 -19.72
C GLN C 160 13.65 22.99 -19.12
N SER C 161 12.42 22.53 -19.39
CA SER C 161 11.98 21.24 -18.84
C SER C 161 12.79 20.07 -19.41
N ILE C 162 13.18 20.16 -20.68
CA ILE C 162 13.97 19.09 -21.27
C ILE C 162 15.39 19.18 -20.76
N ALA C 163 15.93 20.39 -20.61
CA ALA C 163 17.27 20.53 -20.06
C ALA C 163 17.35 19.94 -18.66
N GLU C 164 16.29 20.15 -17.88
CA GLU C 164 16.25 19.70 -16.50
C GLU C 164 16.26 18.17 -16.44
N ALA C 165 15.48 17.51 -17.29
CA ALA C 165 15.53 16.05 -17.38
C ALA C 165 16.90 15.55 -17.82
N ILE C 166 17.53 16.22 -18.80
CA ILE C 166 18.86 15.79 -19.26
C ILE C 166 19.90 15.91 -18.15
N ILE C 167 19.89 17.02 -17.39
CA ILE C 167 20.80 17.17 -16.26
C ILE C 167 20.62 16.04 -15.26
N VAL C 168 19.37 15.76 -14.90
CA VAL C 168 19.12 14.71 -13.90
C VAL C 168 19.66 13.38 -14.41
N ALA C 169 19.42 13.05 -15.68
CA ALA C 169 19.91 11.79 -16.22
C ALA C 169 21.43 11.74 -16.21
N MET C 170 22.03 12.83 -16.65
CA MET C 170 23.49 12.87 -16.69
C MET C 170 24.07 12.65 -15.30
N VAL C 171 23.49 13.28 -14.28
CA VAL C 171 23.97 13.09 -12.92
C VAL C 171 23.71 11.67 -12.47
N PHE C 172 22.50 11.18 -12.72
CA PHE C 172 22.14 9.82 -12.30
C PHE C 172 23.04 8.76 -12.94
N SER C 173 23.50 9.00 -14.17
CA SER C 173 24.36 8.04 -14.84
C SER C 173 25.68 7.86 -14.10
N GLN C 174 26.11 8.86 -13.31
CA GLN C 174 27.35 8.83 -12.58
C GLN C 174 28.55 8.77 -13.51
N GLU C 175 28.38 9.19 -14.76
CA GLU C 175 29.48 9.13 -15.72
C GLU C 175 30.61 10.03 -15.24
N ASP C 176 31.84 9.60 -15.51
CA ASP C 176 32.95 10.38 -15.00
C ASP C 176 33.06 11.72 -15.72
N CYS C 177 32.62 11.82 -16.99
CA CYS C 177 32.64 13.14 -17.64
C CYS C 177 31.81 14.14 -16.84
N MET C 178 30.75 13.66 -16.20
CA MET C 178 29.88 14.54 -15.43
C MET C 178 30.58 14.95 -14.14
N ILE C 179 31.14 13.96 -13.43
CA ILE C 179 31.91 14.21 -12.19
C ILE C 179 33.00 15.23 -12.45
N LYS C 180 33.74 15.05 -13.54
CA LYS C 180 34.88 15.89 -13.87
C LYS C 180 34.46 17.27 -14.36
N ALA C 181 33.18 17.47 -14.68
CA ALA C 181 32.69 18.79 -15.08
C ALA C 181 32.36 19.67 -13.88
N VAL C 182 32.43 19.12 -12.67
CA VAL C 182 32.24 19.89 -11.44
C VAL C 182 33.36 20.89 -11.32
N ARG C 183 32.98 22.13 -11.07
CA ARG C 183 33.89 23.25 -10.91
C ARG C 183 33.75 23.76 -9.49
N GLY C 184 34.87 23.81 -8.78
CA GLY C 184 34.85 24.25 -7.40
C GLY C 184 34.41 23.16 -6.45
N ASP C 185 34.29 23.52 -5.17
CA ASP C 185 33.92 22.52 -4.19
C ASP C 185 32.40 22.46 -4.08
N LEU C 186 31.91 21.37 -3.51
CA LEU C 186 30.48 21.14 -3.42
C LEU C 186 30.02 21.34 -1.98
N ASN C 187 29.21 22.38 -1.76
CA ASN C 187 28.82 22.72 -0.39
C ASN C 187 27.35 23.06 -0.29
N PHE C 188 26.52 22.40 -1.07
CA PHE C 188 25.10 22.68 -1.04
C PHE C 188 24.46 22.12 0.22
N VAL C 189 23.37 22.75 0.66
CA VAL C 189 22.70 22.37 1.88
C VAL C 189 21.19 22.35 1.65
N ASN C 190 20.48 21.73 2.58
CA ASN C 190 19.03 21.80 2.58
C ASN C 190 18.55 23.04 3.34
N ARG C 191 17.23 23.21 3.41
CA ARG C 191 16.61 24.39 4.01
C ARG C 191 16.94 24.53 5.49
N ALA C 192 17.52 23.53 6.14
CA ALA C 192 18.03 23.65 7.51
C ALA C 192 19.55 23.84 7.54
N ASN C 193 20.16 24.11 6.39
CA ASN C 193 21.61 24.29 6.25
C ASN C 193 22.40 23.04 6.65
N GLN C 194 21.85 21.87 6.35
CA GLN C 194 22.55 20.61 6.48
C GLN C 194 23.08 20.17 5.11
N ARG C 195 24.30 19.63 5.10
CA ARG C 195 24.96 19.32 3.83
C ARG C 195 24.24 18.21 3.06
N LEU C 196 24.02 18.44 1.75
CA LEU C 196 23.34 17.45 0.95
C LEU C 196 24.29 16.26 0.72
N ASN C 197 23.71 15.11 0.40
CA ASN C 197 24.54 13.96 0.05
C ASN C 197 25.06 14.08 -1.39
N PRO C 198 26.06 13.26 -1.73
CA PRO C 198 26.86 13.54 -2.95
C PRO C 198 26.07 13.61 -4.24
N MET C 199 25.13 12.66 -4.48
CA MET C 199 24.32 12.73 -5.71
C MET C 199 23.51 14.01 -5.75
N HIS C 200 23.02 14.48 -4.58
CA HIS C 200 22.29 15.74 -4.54
C HIS C 200 23.23 16.93 -4.58
N GLN C 201 24.49 16.80 -4.17
CA GLN C 201 25.43 17.90 -4.43
C GLN C 201 25.61 18.12 -5.92
N LEU C 202 25.83 17.03 -6.66
CA LEU C 202 26.02 17.12 -8.10
C LEU C 202 24.79 17.67 -8.77
N LEU C 203 23.61 17.21 -8.35
CA LEU C 203 22.37 17.72 -8.92
C LEU C 203 22.27 19.23 -8.74
N ARG C 204 22.44 19.72 -7.51
CA ARG C 204 22.32 21.16 -7.30
C ARG C 204 23.37 21.91 -8.09
N HIS C 205 24.59 21.37 -8.15
CA HIS C 205 25.64 22.06 -8.90
C HIS C 205 25.25 22.28 -10.36
N PHE C 206 24.79 21.25 -11.04
CA PHE C 206 24.53 21.39 -12.46
C PHE C 206 23.18 22.05 -12.73
N GLN C 207 22.23 21.94 -11.80
CA GLN C 207 21.01 22.73 -11.90
C GLN C 207 21.32 24.21 -11.85
N LYS C 208 22.33 24.61 -11.07
CA LYS C 208 22.76 26.01 -11.05
C LYS C 208 23.37 26.40 -12.39
N ASP C 209 24.33 25.61 -12.87
CA ASP C 209 24.97 25.90 -14.16
C ASP C 209 25.37 24.61 -14.85
N ALA C 210 24.72 24.30 -15.98
CA ALA C 210 25.02 23.10 -16.75
C ALA C 210 25.95 23.34 -17.93
N LYS C 211 26.45 24.56 -18.12
CA LYS C 211 27.18 24.85 -19.36
C LYS C 211 28.43 23.98 -19.49
N VAL C 212 29.19 23.82 -18.40
CA VAL C 212 30.41 23.04 -18.50
C VAL C 212 30.09 21.57 -18.73
N LEU C 213 29.12 21.06 -17.98
CA LEU C 213 28.63 19.70 -18.20
C LEU C 213 28.29 19.47 -19.66
N PHE C 214 27.40 20.30 -20.21
CA PHE C 214 26.93 20.10 -21.57
C PHE C 214 28.06 20.24 -22.59
N GLN C 215 28.99 21.15 -22.33
CA GLN C 215 30.09 21.38 -23.26
C GLN C 215 31.09 20.23 -23.25
N ASN C 216 31.28 19.58 -22.11
CA ASN C 216 32.21 18.47 -21.98
C ASN C 216 31.61 17.08 -22.24
N TRP C 217 30.29 16.96 -22.29
CA TRP C 217 29.65 15.66 -22.41
C TRP C 217 30.01 14.97 -23.71
N GLY C 218 30.03 15.73 -24.79
CA GLY C 218 30.28 15.23 -26.12
C GLY C 218 29.04 15.27 -27.00
N ILE C 219 29.28 15.32 -28.30
CA ILE C 219 28.20 15.30 -29.27
C ILE C 219 28.51 14.26 -30.33
N GLU C 220 27.49 13.86 -31.07
CA GLU C 220 27.59 12.79 -32.05
C GLU C 220 26.64 13.09 -33.20
N PRO C 221 26.88 12.51 -34.37
CA PRO C 221 25.94 12.70 -35.48
C PRO C 221 24.74 11.81 -35.26
N ILE C 222 23.56 12.27 -35.74
CA ILE C 222 22.34 11.49 -35.59
C ILE C 222 21.84 10.99 -36.95
N ASP C 223 21.10 9.87 -36.90
CA ASP C 223 20.21 9.43 -37.98
C ASP C 223 18.89 10.15 -37.78
N ASN C 224 18.50 11.02 -38.72
CA ASN C 224 17.24 11.72 -38.57
C ASN C 224 16.12 10.71 -38.85
N VAL C 225 15.34 10.40 -37.82
CA VAL C 225 14.23 9.46 -37.86
C VAL C 225 12.99 10.24 -37.43
N MET C 226 11.84 9.89 -37.97
CA MET C 226 10.71 10.76 -37.74
C MET C 226 10.26 10.70 -36.28
N GLY C 227 9.98 11.85 -35.74
CA GLY C 227 9.51 11.95 -34.38
C GLY C 227 10.60 12.17 -33.37
N MET C 228 11.84 12.28 -33.83
CA MET C 228 13.00 12.43 -32.97
CA MET C 228 13.01 12.42 -32.97
C MET C 228 13.86 13.56 -33.50
N ILE C 229 14.64 14.17 -32.63
CA ILE C 229 15.51 15.27 -33.02
C ILE C 229 16.67 15.31 -32.05
N GLY C 230 17.76 15.88 -32.52
CA GLY C 230 18.89 16.09 -31.65
C GLY C 230 18.73 17.34 -30.81
N ILE C 231 19.56 17.43 -29.78
CA ILE C 231 19.63 18.60 -28.94
C ILE C 231 21.11 18.91 -28.69
N LEU C 232 21.52 20.13 -29.00
CA LEU C 232 22.92 20.51 -28.87
C LEU C 232 23.23 21.01 -27.47
N PRO C 233 24.52 21.16 -27.16
CA PRO C 233 24.90 21.63 -25.80
C PRO C 233 24.32 22.98 -25.44
N ASP C 234 24.01 23.82 -26.41
CA ASP C 234 23.35 25.07 -26.12
C ASP C 234 21.82 24.95 -26.12
N MET C 235 21.28 23.73 -26.04
CA MET C 235 19.84 23.44 -26.05
C MET C 235 19.12 23.96 -27.30
N THR C 236 19.85 24.15 -28.40
CA THR C 236 19.29 24.27 -29.74
C THR C 236 18.94 22.90 -30.29
N PRO C 237 17.77 22.73 -30.91
CA PRO C 237 17.48 21.46 -31.60
C PRO C 237 18.27 21.36 -32.89
N SER C 238 18.51 20.13 -33.33
CA SER C 238 19.32 19.88 -34.50
C SER C 238 18.93 18.56 -35.13
N THR C 239 18.88 18.55 -36.46
CA THR C 239 18.59 17.33 -37.21
C THR C 239 19.85 16.56 -37.59
N GLU C 240 21.02 17.09 -37.25
CA GLU C 240 22.30 16.55 -37.69
C GLU C 240 23.16 16.00 -36.57
N MET C 241 23.14 16.64 -35.39
CA MET C 241 24.00 16.28 -34.28
C MET C 241 23.20 16.32 -32.97
N SER C 242 23.77 15.70 -31.92
CA SER C 242 23.11 15.78 -30.62
C SER C 242 24.09 15.44 -29.50
N LEU C 243 23.75 15.90 -28.28
CA LEU C 243 24.47 15.41 -27.10
C LEU C 243 24.51 13.90 -27.13
N ARG C 244 25.70 13.34 -26.83
CA ARG C 244 25.98 11.91 -26.94
C ARG C 244 24.96 11.09 -26.18
N GLY C 245 24.29 10.21 -26.90
CA GLY C 245 23.31 9.34 -26.31
C GLY C 245 21.96 9.96 -26.04
N VAL C 246 21.73 11.19 -26.46
CA VAL C 246 20.54 11.91 -26.04
C VAL C 246 19.72 12.25 -27.27
N ARG C 247 18.43 11.97 -27.22
CA ARG C 247 17.52 12.36 -28.29
C ARG C 247 16.27 12.93 -27.66
N VAL C 248 15.68 13.89 -28.33
CA VAL C 248 14.42 14.49 -27.93
C VAL C 248 13.30 13.87 -28.78
N SER C 249 12.27 13.35 -28.09
CA SER C 249 11.11 12.80 -28.75
C SER C 249 10.08 13.90 -28.99
N LYS C 250 9.79 14.17 -30.26
CA LYS C 250 8.75 15.14 -30.61
C LYS C 250 7.35 14.56 -30.49
N MET C 251 7.25 13.22 -30.56
CA MET C 251 5.95 12.57 -30.48
C MET C 251 5.57 12.25 -29.06
N GLY C 252 6.53 12.15 -28.14
CA GLY C 252 6.22 11.92 -26.75
C GLY C 252 6.69 10.53 -26.35
N VAL C 253 7.17 10.43 -25.11
CA VAL C 253 7.62 9.16 -24.54
C VAL C 253 6.43 8.60 -23.79
N ASP C 254 6.00 7.40 -24.12
CA ASP C 254 4.81 6.86 -23.46
C ASP C 254 5.25 6.17 -22.17
N GLU C 255 4.54 6.48 -21.08
CA GLU C 255 4.75 5.83 -19.78
C GLU C 255 3.43 5.20 -19.36
N TYR C 256 3.40 3.88 -19.23
CA TYR C 256 2.28 3.21 -18.59
C TYR C 256 2.83 2.24 -17.55
N SER C 257 2.54 2.51 -16.28
CA SER C 257 2.96 1.66 -15.18
C SER C 257 1.83 1.58 -14.18
N SER C 258 1.73 0.46 -13.48
CA SER C 258 0.85 0.38 -12.34
C SER C 258 1.62 0.70 -11.06
N THR C 259 1.01 1.51 -10.20
CA THR C 259 1.65 1.86 -8.94
C THR C 259 1.62 0.65 -8.01
N GLU C 260 2.78 0.28 -7.46
CA GLU C 260 2.91 -0.71 -6.42
C GLU C 260 3.09 0.04 -5.10
N ARG C 261 2.08 -0.02 -4.21
CA ARG C 261 2.14 0.68 -2.93
C ARG C 261 2.70 -0.28 -1.88
N VAL C 262 3.78 0.13 -1.20
CA VAL C 262 4.53 -0.73 -0.31
C VAL C 262 4.72 -0.06 1.05
N VAL C 263 5.06 -0.89 2.05
CA VAL C 263 5.41 -0.39 3.38
C VAL C 263 6.78 0.26 3.32
N VAL C 264 6.89 1.40 4.00
CA VAL C 264 8.12 2.19 4.05
C VAL C 264 8.37 2.60 5.50
N SER C 265 9.56 3.08 5.74
CA SER C 265 9.96 3.66 7.00
C SER C 265 10.36 5.11 6.76
N ILE C 266 10.27 5.93 7.79
CA ILE C 266 10.66 7.33 7.68
C ILE C 266 11.42 7.71 8.94
N ASP C 267 12.55 8.40 8.78
CA ASP C 267 13.39 8.73 9.92
C ASP C 267 13.07 10.14 10.38
N ARG C 268 13.78 10.58 11.41
CA ARG C 268 13.53 11.87 12.06
C ARG C 268 13.66 13.02 11.08
N PHE C 269 14.45 12.86 10.04
CA PHE C 269 14.76 13.93 9.09
C PHE C 269 14.00 13.75 7.78
N LEU C 270 12.94 12.94 7.80
CA LEU C 270 11.97 12.82 6.69
C LEU C 270 12.55 12.09 5.49
N ARG C 271 13.53 11.22 5.74
CA ARG C 271 14.09 10.34 4.73
C ARG C 271 13.30 9.05 4.75
N VAL C 272 12.64 8.77 3.64
CA VAL C 272 11.75 7.62 3.50
C VAL C 272 12.51 6.51 2.78
N ARG C 273 12.46 5.30 3.35
CA ARG C 273 13.19 4.18 2.82
C ARG C 273 12.24 3.03 2.61
N ASP C 274 12.43 2.28 1.54
CA ASP C 274 11.71 1.03 1.36
C ASP C 274 12.27 -0.04 2.31
N GLN C 275 11.67 -1.23 2.25
CA GLN C 275 12.02 -2.26 3.23
C GLN C 275 13.45 -2.73 3.08
N ARG C 276 14.01 -2.58 1.88
CA ARG C 276 15.41 -2.94 1.66
C ARG C 276 16.36 -1.80 1.98
N GLY C 277 15.88 -0.70 2.54
CA GLY C 277 16.74 0.41 2.93
C GLY C 277 17.06 1.43 1.86
N ASN C 278 16.54 1.30 0.67
CA ASN C 278 16.79 2.29 -0.37
C ASN C 278 15.99 3.55 -0.05
N VAL C 279 16.62 4.72 -0.24
CA VAL C 279 15.92 5.98 -0.05
C VAL C 279 15.03 6.24 -1.25
N LEU C 280 13.74 6.41 -1.00
CA LEU C 280 12.77 6.76 -2.02
C LEU C 280 12.49 8.25 -2.07
N LEU C 281 12.45 8.90 -0.90
CA LEU C 281 12.07 10.31 -0.80
C LEU C 281 12.81 10.98 0.34
N SER C 282 12.98 12.29 0.20
CA SER C 282 13.54 13.16 1.21
C SER C 282 13.03 14.56 0.93
N PRO C 283 13.23 15.51 1.83
CA PRO C 283 12.77 16.88 1.55
C PRO C 283 13.45 17.47 0.33
N GLU C 284 14.65 16.98 0.00
CA GLU C 284 15.34 17.45 -1.20
C GLU C 284 14.64 17.05 -2.49
N GLU C 285 13.66 16.14 -2.44
CA GLU C 285 12.92 15.73 -3.62
C GLU C 285 11.56 16.43 -3.73
N VAL C 286 11.28 17.38 -2.84
CA VAL C 286 10.03 18.15 -2.81
C VAL C 286 10.26 19.43 -3.59
N SER C 287 9.40 19.65 -4.56
CA SER C 287 9.46 20.86 -5.39
C SER C 287 9.48 22.13 -4.56
N GLU C 288 10.25 23.12 -5.03
CA GLU C 288 10.28 24.42 -4.39
C GLU C 288 9.21 25.37 -4.93
N THR C 289 8.34 24.90 -5.83
CA THR C 289 7.22 25.68 -6.36
C THR C 289 5.92 24.97 -5.97
N GLN C 290 4.80 25.67 -6.18
CA GLN C 290 3.47 25.09 -6.00
C GLN C 290 2.43 25.99 -6.65
N GLY C 291 1.23 25.44 -6.83
CA GLY C 291 0.12 26.20 -7.35
C GLY C 291 -0.56 26.99 -6.26
N THR C 292 -1.72 27.54 -6.64
CA THR C 292 -2.63 28.25 -5.75
C THR C 292 -3.74 27.30 -5.36
N GLU C 293 -4.08 27.25 -4.07
CA GLU C 293 -5.08 26.30 -3.62
C GLU C 293 -6.45 26.71 -4.14
N ARG C 294 -7.26 25.72 -4.48
CA ARG C 294 -8.64 25.99 -4.85
C ARG C 294 -9.56 25.86 -3.65
N LEU C 295 -9.22 24.99 -2.72
CA LEU C 295 -9.93 24.79 -1.46
C LEU C 295 -9.05 25.34 -0.35
N THR C 296 -9.68 26.06 0.55
CA THR C 296 -8.98 26.72 1.65
C THR C 296 -8.18 25.74 2.46
N ILE C 297 -6.93 26.08 2.72
CA ILE C 297 -6.07 25.34 3.63
C ILE C 297 -5.95 26.14 4.92
N THR C 298 -6.26 25.50 6.04
CA THR C 298 -6.13 26.04 7.39
C THR C 298 -4.99 25.29 8.09
N TYR C 299 -3.91 26.00 8.43
CA TYR C 299 -2.72 25.40 9.04
C TYR C 299 -2.81 25.53 10.56
N SER C 300 -1.84 24.93 11.25
CA SER C 300 -1.41 25.35 12.60
C SER C 300 -0.65 24.19 13.24
N GLN D 1 0.43 25.09 -44.13
CA GLN D 1 -0.90 25.78 -44.08
C GLN D 1 -1.52 25.67 -42.68
N VAL D 2 -0.79 25.10 -41.70
CA VAL D 2 -1.21 25.24 -40.31
C VAL D 2 -1.24 26.72 -39.96
N GLN D 3 -2.38 27.18 -39.48
CA GLN D 3 -2.47 28.56 -38.99
C GLN D 3 -3.06 28.57 -37.60
N LEU D 4 -2.48 29.41 -36.73
CA LEU D 4 -2.88 29.60 -35.34
C LEU D 4 -2.91 31.09 -35.08
N GLN D 5 -4.01 31.62 -34.55
CA GLN D 5 -4.15 33.06 -34.34
C GLN D 5 -4.74 33.33 -32.97
N GLU D 6 -3.92 33.91 -32.08
CA GLU D 6 -4.33 34.24 -30.72
C GLU D 6 -5.04 35.58 -30.69
N SER D 7 -5.93 35.73 -29.72
CA SER D 7 -6.61 37.00 -29.50
C SER D 7 -7.00 37.02 -28.02
N GLY D 8 -7.37 38.19 -27.55
CA GLY D 8 -7.89 38.31 -26.21
C GLY D 8 -6.95 38.94 -25.21
N GLY D 9 -5.73 39.22 -25.58
CA GLY D 9 -4.79 39.82 -24.66
C GLY D 9 -5.08 41.30 -24.44
N GLY D 10 -4.35 41.88 -23.50
CA GLY D 10 -4.49 43.30 -23.25
C GLY D 10 -3.91 43.66 -21.88
N LEU D 11 -4.28 44.84 -21.42
CA LEU D 11 -3.83 45.38 -20.16
C LEU D 11 -4.90 45.15 -19.10
N VAL D 12 -4.49 44.62 -17.95
CA VAL D 12 -5.42 44.38 -16.86
C VAL D 12 -4.74 44.69 -15.53
N GLN D 13 -5.57 44.92 -14.52
CA GLN D 13 -5.12 45.16 -13.16
C GLN D 13 -4.88 43.85 -12.43
N PRO D 14 -3.94 43.83 -11.47
CA PRO D 14 -3.74 42.62 -10.66
C PRO D 14 -5.05 42.14 -10.07
N GLY D 15 -5.21 40.83 -10.01
CA GLY D 15 -6.46 40.26 -9.60
C GLY D 15 -7.49 40.16 -10.70
N GLY D 16 -7.27 40.80 -11.84
CA GLY D 16 -8.24 40.75 -12.90
C GLY D 16 -8.21 39.43 -13.65
N SER D 17 -9.02 39.36 -14.71
CA SER D 17 -9.18 38.15 -15.51
C SER D 17 -9.08 38.52 -16.97
N LEU D 18 -8.56 37.58 -17.77
CA LEU D 18 -8.58 37.65 -19.22
C LEU D 18 -8.84 36.26 -19.75
N ARG D 19 -9.50 36.17 -20.91
CA ARG D 19 -9.67 34.90 -21.61
C ARG D 19 -9.04 34.99 -22.98
N LEU D 20 -8.02 34.17 -23.21
CA LEU D 20 -7.41 34.08 -24.52
C LEU D 20 -8.11 33.04 -25.40
N SER D 21 -8.13 33.33 -26.70
CA SER D 21 -8.63 32.41 -27.71
C SER D 21 -7.53 32.17 -28.73
N CYS D 22 -7.53 30.98 -29.28
CA CYS D 22 -6.62 30.65 -30.37
C CYS D 22 -7.38 29.91 -31.46
N ALA D 23 -7.54 30.56 -32.61
CA ALA D 23 -8.25 30.01 -33.76
C ALA D 23 -7.28 29.21 -34.61
N ALA D 24 -7.57 27.92 -34.78
CA ALA D 24 -6.71 27.00 -35.50
C ALA D 24 -7.32 26.66 -36.85
N SER D 25 -6.47 26.56 -37.87
CA SER D 25 -6.90 26.09 -39.18
C SER D 25 -5.74 25.34 -39.85
N GLY D 26 -6.09 24.62 -40.91
CA GLY D 26 -5.09 23.97 -41.72
C GLY D 26 -4.66 22.63 -41.18
N PHE D 27 -5.36 22.09 -40.20
CA PHE D 27 -5.07 20.77 -39.71
C PHE D 27 -6.32 20.28 -39.00
N THR D 28 -6.36 18.99 -38.73
CA THR D 28 -7.54 18.37 -38.13
C THR D 28 -7.39 18.61 -36.62
N PHE D 29 -7.94 19.74 -36.17
CA PHE D 29 -7.73 20.24 -34.80
C PHE D 29 -7.98 19.15 -33.75
N LYS D 30 -9.09 18.42 -33.91
CA LYS D 30 -9.58 17.50 -32.89
C LYS D 30 -8.68 16.30 -32.66
N MET D 31 -7.64 16.09 -33.45
CA MET D 31 -6.75 14.96 -33.25
C MET D 31 -5.43 15.32 -32.59
N TYR D 32 -5.25 16.59 -32.18
CA TYR D 32 -3.98 17.04 -31.63
C TYR D 32 -4.17 17.57 -30.21
N ALA D 33 -3.26 17.20 -29.32
CA ALA D 33 -3.05 18.01 -28.13
C ALA D 33 -2.67 19.42 -28.53
N MET D 34 -2.89 20.37 -27.64
CA MET D 34 -2.59 21.78 -27.90
C MET D 34 -2.08 22.36 -26.60
N SER D 35 -1.27 23.42 -26.70
CA SER D 35 -0.70 24.01 -25.50
C SER D 35 -0.64 25.51 -25.62
N TRP D 36 -0.45 26.16 -24.46
CA TRP D 36 -0.11 27.58 -24.38
C TRP D 36 1.30 27.73 -23.83
N VAL D 37 2.07 28.67 -24.40
CA VAL D 37 3.41 29.02 -23.96
C VAL D 37 3.43 30.53 -23.84
N ARG D 38 4.44 31.06 -23.15
CA ARG D 38 4.56 32.51 -22.95
C ARG D 38 6.01 32.94 -22.90
N GLN D 39 6.24 34.20 -23.26
CA GLN D 39 7.59 34.74 -23.21
C GLN D 39 7.54 36.15 -22.63
N ALA D 40 8.30 36.35 -21.54
CA ALA D 40 8.52 37.66 -20.94
C ALA D 40 9.92 38.17 -21.28
N PRO D 41 10.13 39.47 -21.11
CA PRO D 41 11.44 40.03 -21.45
C PRO D 41 12.56 39.36 -20.66
N GLY D 42 13.62 39.03 -21.39
CA GLY D 42 14.80 38.44 -20.79
C GLY D 42 14.66 37.00 -20.38
N LYS D 43 13.55 36.34 -20.64
CA LYS D 43 13.34 34.97 -20.17
C LYS D 43 13.15 34.03 -21.36
N GLY D 44 13.25 32.72 -21.07
CA GLY D 44 13.03 31.74 -22.09
C GLY D 44 11.56 31.53 -22.34
N LEU D 45 11.25 30.97 -23.52
CA LEU D 45 9.88 30.57 -23.84
C LEU D 45 9.41 29.50 -22.86
N GLU D 46 8.36 29.81 -22.10
CA GLU D 46 7.93 28.98 -20.98
C GLU D 46 6.57 28.38 -21.28
N TRP D 47 6.48 27.07 -21.09
CA TRP D 47 5.20 26.37 -21.18
C TRP D 47 4.28 26.73 -20.04
N VAL D 48 3.00 26.94 -20.37
CA VAL D 48 1.99 27.32 -19.40
C VAL D 48 1.02 26.18 -19.15
N SER D 49 0.50 25.57 -20.20
CA SER D 49 -0.58 24.59 -20.07
C SER D 49 -0.74 23.77 -21.33
N SER D 50 -1.16 22.52 -21.14
CA SER D 50 -1.45 21.65 -22.28
C SER D 50 -2.80 20.99 -22.09
N ILE D 51 -3.41 20.57 -23.19
CA ILE D 51 -4.69 19.85 -23.14
C ILE D 51 -4.66 18.78 -24.24
N ASN D 52 -5.22 17.62 -23.93
CA ASN D 52 -5.23 16.54 -24.89
C ASN D 52 -6.29 16.79 -25.97
N SER D 53 -6.28 15.92 -26.98
CA SER D 53 -7.11 16.12 -28.16
C SER D 53 -8.59 16.18 -27.81
N ALA D 54 -9.02 15.32 -26.88
CA ALA D 54 -10.43 15.23 -26.54
C ALA D 54 -10.84 16.26 -25.51
N GLY D 55 -9.89 16.92 -24.85
CA GLY D 55 -10.19 17.97 -23.91
C GLY D 55 -10.26 17.54 -22.47
N GLY D 56 -10.13 16.26 -22.19
CA GLY D 56 -10.39 15.77 -20.86
C GLY D 56 -9.23 15.81 -19.89
N SER D 57 -8.02 15.94 -20.41
CA SER D 57 -6.80 15.87 -19.61
C SER D 57 -6.01 17.16 -19.80
N THR D 58 -5.66 17.79 -18.70
CA THR D 58 -4.92 19.06 -18.73
C THR D 58 -3.73 19.00 -17.78
N SER D 59 -2.74 19.85 -18.05
CA SER D 59 -1.64 20.07 -17.11
C SER D 59 -1.25 21.54 -17.17
N TYR D 60 -0.57 21.99 -16.12
CA TYR D 60 -0.22 23.41 -15.98
C TYR D 60 1.12 23.56 -15.31
N VAL D 61 1.84 24.64 -15.65
CA VAL D 61 3.01 25.04 -14.87
C VAL D 61 2.55 25.45 -13.48
N ASP D 62 3.33 25.08 -12.48
CA ASP D 62 2.95 25.35 -11.09
C ASP D 62 2.53 26.81 -10.87
N SER D 63 3.26 27.76 -11.46
CA SER D 63 2.99 29.16 -11.15
C SER D 63 1.62 29.64 -11.62
N VAL D 64 0.90 28.88 -12.47
CA VAL D 64 -0.46 29.26 -12.88
C VAL D 64 -1.49 28.27 -12.40
N LYS D 65 -1.08 27.15 -11.85
CA LYS D 65 -2.03 26.15 -11.39
C LYS D 65 -2.93 26.71 -10.33
N GLY D 66 -4.23 26.41 -10.44
CA GLY D 66 -5.23 26.95 -9.57
C GLY D 66 -5.79 28.29 -10.00
N ARG D 67 -5.19 28.89 -11.00
CA ARG D 67 -5.58 30.22 -11.46
C ARG D 67 -5.99 30.22 -12.92
N PHE D 68 -5.29 29.50 -13.77
CA PHE D 68 -5.63 29.40 -15.19
C PHE D 68 -6.37 28.09 -15.49
N THR D 69 -7.23 28.13 -16.52
CA THR D 69 -7.90 26.94 -17.00
C THR D 69 -7.79 26.90 -18.51
N ILE D 70 -7.20 25.83 -19.05
CA ILE D 70 -7.16 25.60 -20.51
C ILE D 70 -8.39 24.80 -20.88
N SER D 71 -8.95 25.09 -22.06
CA SER D 71 -10.11 24.37 -22.56
C SER D 71 -10.04 24.48 -24.09
N ARG D 72 -10.87 23.68 -24.75
CA ARG D 72 -10.96 23.74 -26.19
C ARG D 72 -12.40 23.47 -26.64
N ASP D 73 -12.75 24.01 -27.79
CA ASP D 73 -14.00 23.70 -28.45
C ASP D 73 -13.64 23.11 -29.81
N ASN D 74 -13.79 21.78 -29.94
CA ASN D 74 -13.37 21.15 -31.17
C ASN D 74 -14.30 21.46 -32.33
N ALA D 75 -15.57 21.75 -32.06
CA ALA D 75 -16.44 22.14 -33.17
C ALA D 75 -16.03 23.50 -33.75
N LYS D 76 -15.47 24.39 -32.95
CA LYS D 76 -15.07 25.71 -33.41
C LYS D 76 -13.60 25.78 -33.76
N ASN D 77 -12.88 24.67 -33.58
CA ASN D 77 -11.43 24.63 -33.78
C ASN D 77 -10.75 25.76 -33.01
N THR D 78 -11.04 25.85 -31.72
CA THR D 78 -10.57 26.95 -30.91
C THR D 78 -10.06 26.43 -29.57
N LEU D 79 -8.93 26.95 -29.20
CA LEU D 79 -8.33 26.74 -27.90
C LEU D 79 -8.52 27.98 -27.06
N TYR D 80 -8.67 27.76 -25.76
CA TYR D 80 -8.86 28.86 -24.83
C TYR D 80 -7.93 28.78 -23.64
N LEU D 81 -7.63 29.94 -23.08
CA LEU D 81 -6.97 30.03 -21.78
C LEU D 81 -7.71 31.06 -20.94
N GLN D 82 -8.36 30.57 -19.88
CA GLN D 82 -9.06 31.43 -18.92
C GLN D 82 -8.05 31.78 -17.84
N MET D 83 -7.71 33.05 -17.76
CA MET D 83 -6.68 33.51 -16.83
C MET D 83 -7.30 34.34 -15.72
N ASN D 84 -7.36 33.78 -14.51
CA ASN D 84 -7.97 34.44 -13.35
C ASN D 84 -6.89 34.88 -12.37
N SER D 85 -7.26 35.81 -11.48
CA SER D 85 -6.36 36.22 -10.40
C SER D 85 -5.00 36.59 -10.94
N LEU D 86 -5.01 37.38 -12.00
CA LEU D 86 -3.77 37.70 -12.67
C LEU D 86 -2.81 38.47 -11.77
N LYS D 87 -1.53 38.20 -11.99
CA LYS D 87 -0.42 38.75 -11.27
C LYS D 87 0.51 39.46 -12.23
N PRO D 88 1.25 40.45 -11.72
CA PRO D 88 2.30 41.10 -12.54
C PRO D 88 3.26 40.11 -13.20
N ASP D 89 3.63 39.04 -12.50
CA ASP D 89 4.54 38.06 -13.08
C ASP D 89 3.91 37.27 -14.24
N ASP D 90 2.59 37.41 -14.47
CA ASP D 90 1.95 36.80 -15.64
C ASP D 90 2.13 37.62 -16.90
N THR D 91 2.67 38.82 -16.77
CA THR D 91 2.92 39.65 -17.94
C THR D 91 3.87 38.96 -18.91
N ALA D 92 3.42 38.81 -20.16
CA ALA D 92 4.19 38.11 -21.19
C ALA D 92 3.40 38.14 -22.50
N VAL D 93 4.07 37.76 -23.57
CA VAL D 93 3.35 37.38 -24.80
C VAL D 93 2.91 35.91 -24.72
N TYR D 94 1.65 35.66 -24.91
CA TYR D 94 1.10 34.30 -24.89
C TYR D 94 0.92 33.79 -26.32
N TYR D 95 1.34 32.54 -26.55
CA TYR D 95 1.32 31.90 -27.85
C TYR D 95 0.60 30.56 -27.73
N CYS D 96 -0.24 30.27 -28.70
CA CYS D 96 -0.83 28.97 -28.94
C CYS D 96 0.17 28.13 -29.75
N VAL D 97 0.29 26.84 -29.40
CA VAL D 97 1.17 25.97 -30.17
C VAL D 97 0.51 24.61 -30.39
N GLN D 98 0.83 23.97 -31.51
CA GLN D 98 0.32 22.64 -31.77
C GLN D 98 1.12 21.62 -30.98
N GLY D 99 0.43 20.66 -30.39
CA GLY D 99 1.06 19.56 -29.69
C GLY D 99 1.31 19.95 -28.26
N ARG D 100 2.04 19.07 -27.58
CA ARG D 100 2.46 19.27 -26.21
C ARG D 100 3.93 18.89 -25.99
N ASN D 101 4.70 18.73 -27.05
CA ASN D 101 6.12 18.41 -26.95
C ASN D 101 6.99 19.41 -27.68
N TRP D 102 7.96 19.94 -26.95
CA TRP D 102 8.97 20.84 -27.48
C TRP D 102 9.98 20.05 -28.32
N PRO D 103 10.57 20.67 -29.36
CA PRO D 103 10.29 22.02 -29.89
C PRO D 103 8.98 22.03 -30.68
N TYR D 104 8.31 23.19 -30.72
CA TYR D 104 7.01 23.39 -31.36
C TYR D 104 7.20 23.93 -32.76
N ASP D 105 6.83 23.13 -33.75
CA ASP D 105 6.98 23.55 -35.13
C ASP D 105 5.95 24.62 -35.51
N TYR D 106 4.79 24.63 -34.87
CA TYR D 106 3.72 25.56 -35.21
C TYR D 106 3.33 26.39 -33.99
N ARG D 107 3.42 27.71 -34.13
CA ARG D 107 3.12 28.66 -33.08
C ARG D 107 2.37 29.84 -33.69
N GLY D 108 1.40 30.37 -32.95
CA GLY D 108 0.72 31.60 -33.33
C GLY D 108 1.61 32.81 -33.34
N GLN D 109 1.00 33.93 -33.73
CA GLN D 109 1.72 35.22 -33.69
C GLN D 109 1.89 35.78 -32.28
N GLY D 110 1.08 35.33 -31.34
CA GLY D 110 1.22 35.78 -29.96
C GLY D 110 0.30 36.95 -29.65
N THR D 111 -0.18 36.99 -28.41
CA THR D 111 -0.95 38.13 -27.94
C THR D 111 -0.40 38.60 -26.59
N GLN D 112 -0.18 39.90 -26.48
CA GLN D 112 0.44 40.49 -25.31
C GLN D 112 -0.55 40.57 -24.17
N VAL D 113 -0.11 40.08 -23.02
CA VAL D 113 -0.81 40.21 -21.74
C VAL D 113 0.04 41.06 -20.80
N THR D 114 -0.54 42.14 -20.29
CA THR D 114 0.17 43.04 -19.37
C THR D 114 -0.69 43.26 -18.13
N VAL D 115 -0.16 42.86 -16.97
CA VAL D 115 -0.85 42.98 -15.69
C VAL D 115 -0.10 44.07 -14.93
N SER D 116 -0.76 45.19 -14.67
CA SER D 116 -0.11 46.38 -14.10
C SER D 116 1.00 46.15 -13.07
C1 GOL E . -7.77 -16.93 13.09
O1 GOL E . -8.74 -15.90 13.35
C2 GOL E . -8.57 -18.20 12.99
O2 GOL E . -8.53 -18.87 11.74
C3 GOL E . -8.01 -19.11 14.09
O3 GOL E . -9.20 -19.69 14.68
H11 GOL E . -7.10 -17.01 13.79
H12 GOL E . -7.27 -16.79 12.27
HO1 GOL E . -8.33 -15.19 13.57
H2 GOL E . -9.50 -17.95 13.11
HO2 GOL E . -7.68 -19.03 11.57
H31 GOL E . -7.47 -18.59 14.72
H32 GOL E . -7.40 -19.76 13.71
HO3 GOL E . -8.94 -20.34 15.21
C1 GOL F . 21.11 10.35 -0.51
O1 GOL F . 19.94 11.23 -0.55
C2 GOL F . 21.48 10.06 -2.05
O2 GOL F . 20.29 10.30 -2.79
C3 GOL F . 22.74 10.93 -2.32
O3 GOL F . 22.27 12.27 -2.36
H11 GOL F . 20.93 9.51 -0.06
H12 GOL F . 21.86 10.75 -0.06
HO1 GOL F . 19.60 11.17 -1.33
H2 GOL F . 21.75 9.17 -2.29
HO2 GOL F . 20.48 10.15 -3.60
H31 GOL F . 23.15 10.63 -3.14
H32 GOL F . 23.39 10.77 -1.63
HO3 GOL F . 22.13 12.42 -3.21
C1 GOL G . 10.23 19.59 -13.58
O1 GOL G . 9.58 20.43 -12.66
C2 GOL G . 9.49 18.23 -13.63
O2 GOL G . 9.56 17.69 -14.92
C3 GOL G . 10.14 17.40 -12.53
O3 GOL G . 8.99 16.76 -11.90
H11 GOL G . 11.16 19.44 -13.34
H12 GOL G . 10.26 19.97 -14.47
HO1 GOL G . 10.02 21.16 -12.64
H2 GOL G . 8.55 18.30 -13.44
HO2 GOL G . 10.39 17.59 -15.13
H31 GOL G . 10.64 17.98 -11.94
H32 GOL G . 10.78 16.79 -12.91
HO3 GOL G . 9.30 16.04 -11.52
C1 GOL H . 35.37 2.65 -12.66
O1 GOL H . 35.23 3.98 -12.19
C2 GOL H . 33.97 2.19 -13.19
O2 GOL H . 33.98 0.87 -13.63
C3 GOL H . 32.95 2.46 -12.01
O3 GOL H . 32.69 1.22 -11.33
H11 GOL H . 35.66 2.03 -11.97
H12 GOL H . 36.02 2.57 -13.37
HO1 GOL H . 35.29 3.94 -11.33
H2 GOL H . 33.71 2.71 -13.97
HO2 GOL H . 33.50 0.42 -13.09
H31 GOL H . 32.15 2.86 -12.39
H32 GOL H . 33.34 3.14 -11.44
HO3 GOL H . 31.88 1.23 -11.08
C1 PEG I . 10.32 31.27 -17.54
O1 PEG I . 10.94 31.87 -16.44
C2 PEG I . 11.36 30.81 -18.56
O2 PEG I . 12.07 29.70 -18.04
C3 PEG I . 12.02 28.47 -18.75
C4 PEG I . 10.61 27.85 -18.78
O4 PEG I . 10.53 26.59 -18.15
H11 PEG I . 9.72 31.91 -17.96
H12 PEG I . 9.80 30.51 -17.24
HO1 PEG I . 11.72 31.55 -16.34
H21 PEG I . 11.99 31.54 -18.72
H22 PEG I . 10.93 30.56 -19.38
H31 PEG I . 12.63 27.85 -18.34
H32 PEG I . 12.30 28.64 -19.67
H41 PEG I . 10.35 27.75 -19.71
H42 PEG I . 10.00 28.45 -18.34
HO4 PEG I . 10.94 26.60 -17.41
C1 GOL J . 4.20 44.52 -16.46
O1 GOL J . 4.59 45.85 -16.88
C2 GOL J . 4.44 44.39 -14.97
O2 GOL J . 3.26 44.60 -14.21
C3 GOL J . 4.94 42.94 -14.76
O3 GOL J . 6.36 42.97 -14.81
H11 GOL J . 4.69 43.83 -16.92
H12 GOL J . 3.26 44.34 -16.65
HO1 GOL J . 4.13 46.04 -17.56
H2 GOL J . 5.08 45.06 -14.69
HO2 GOL J . 2.83 43.85 -14.18
H31 GOL J . 4.55 42.37 -15.44
H32 GOL J . 4.60 42.61 -13.91
HO3 GOL J . 6.65 42.22 -14.53
#